data_7O24
#
_entry.id   7O24
#
_cell.length_a   1.00
_cell.length_b   1.00
_cell.length_c   1.00
_cell.angle_alpha   90.00
_cell.angle_beta   90.00
_cell.angle_gamma   90.00
#
_symmetry.space_group_name_H-M   'P 1'
#
loop_
_entity.id
_entity.type
_entity.pdbx_description
1 polymer Pr125Pol
2 polymer "DNA (5'-D(*AP*AP*CP*AP*GP*AP*GP*TP*GP*CP*GP*AP*CP*AP*CP*CP*TP*GP*AP*TP*TP*CP*CP*A)-3')"
3 polymer "DNA (5'-D(*TP*GP*GP*AP*AP*TP*CP*AP*GP*GP*TP*GP*TP*CP*GP*CP*AP*CP*TP*CP*TP*G)-3')"
#
loop_
_entity_poly.entity_id
_entity_poly.type
_entity_poly.pdbx_seq_one_letter_code
_entity_poly.pdbx_strand_id
1 'polypeptide(L)'
;MTTPPLLQLPVEVKKTELNGFWDTGAQITCIPEAFLKEEIPIGEAQIKTLHGTKLQSVYYLKFKVLGRKVEAEVTTSPFD
YVIISPSDIPWYKPQPLELTVKLPVQDFKKELINKANINNEEKKQLAKLLDKYDVLWQQWENQVGHRKIPPHNIATGTVA
PRPQRQYHINTKAKPSIQQVIDDLLKQGVLIKQTSVMNTPIYPVPKPDGKWRMVLDYRAVNKTVPLIGAQNQHSLGILTN
LVRQKYKSTIDLSNGFWAHPITKDSQWITAFTWEGKQHVWTRLPQGFLNSPALFTADVVDLLKNIPGISVYVDDIYFSTE
TVSEHLKILEKVFKILLEAGYIVSLKKSALLRYEVTFLGFSITQTGRGLTSEFKDKIQNITSPRTLKELQSILGLFNFAR
NFVPNFSEIIKPLYSLISTAEGNNIKWTSEHTRYLEEIVSALNHAGNLEQRDNESPLVVKLNASPKTGYIRYYNKGGQKP
IAYASHVFTNTELKFTPLEKLLVTMHKALIKAIDLALGQPIEVYSPIISMQKLQKTPLPERKALSTRWITWLSYLEDPRI
TFYYDKTLPDLKNVPETVTDKKPKMLPIIEYAAVFYTDGSAIRSPDKNKSHSSGMGIVHAVFKPELTIEHQWSIPLGDHT
AQYAEISAVEFACKKANNISGPVLIVTDSDYVARSVNEELPFWRSNGFVNNKKKPLKHISKWKNISDSLLLKRDIIIVHE
PGHKPSYTSIHTQGNNLADKLATQGSYTVNNI
;
A,B,C
2 'polydeoxyribonucleotide'
;(DA)(DA)(DC)(DA)(DG)(DA)(DG)(DT)(DG)(DC)(DG)(DA)(DC)(DA)(DC)(DC)(DT)(DG)(DA)(DT)
(DT)(DC)(DC)(DA)
;
E
3 'polydeoxyribonucleotide'
;(DT)(DG)(DG)(DA)(DA)(DT)(DC)(DA)(DG)(DG)(DT)(DG)(DT)(DC)(DG)(DC)(DA)(DC)(DT)(DC)
(DT)(DG)
;
F
#
# COMPACT_ATOMS: atom_id res chain seq x y z
N PRO A 96 -2.82 55.58 19.36
CA PRO A 96 -2.50 54.22 19.79
C PRO A 96 -3.74 53.44 20.20
N LEU A 97 -3.56 52.46 21.10
CA LEU A 97 -4.66 51.61 21.57
C LEU A 97 -4.63 51.58 23.09
N GLU A 98 -5.80 51.68 23.71
CA GLU A 98 -5.95 51.64 25.15
C GLU A 98 -6.93 50.54 25.53
N LEU A 99 -6.41 49.43 26.04
CA LEU A 99 -7.25 48.38 26.59
C LEU A 99 -7.40 48.60 28.09
N THR A 100 -7.90 47.59 28.80
CA THR A 100 -8.18 47.72 30.23
C THR A 100 -6.94 47.44 31.09
N VAL A 101 -6.34 46.27 30.94
CA VAL A 101 -5.27 45.82 31.81
C VAL A 101 -3.94 45.90 31.06
N LYS A 102 -3.01 46.67 31.61
CA LYS A 102 -1.68 46.81 31.04
C LYS A 102 -0.77 45.70 31.54
N LEU A 103 0.01 45.13 30.63
CA LEU A 103 0.88 44.01 30.96
C LEU A 103 2.32 44.47 31.12
N PRO A 104 3.04 43.93 32.10
CA PRO A 104 4.46 44.27 32.33
C PRO A 104 5.39 43.57 31.33
N VAL A 105 5.53 44.19 30.16
CA VAL A 105 6.34 43.60 29.09
C VAL A 105 7.81 43.55 29.47
N GLN A 106 8.28 44.57 30.21
CA GLN A 106 9.69 44.60 30.61
C GLN A 106 10.03 43.43 31.51
N ASP A 107 9.13 43.07 32.42
CA ASP A 107 9.34 41.91 33.27
C ASP A 107 9.47 40.64 32.44
N PHE A 108 8.60 40.47 31.44
CA PHE A 108 8.66 39.30 30.59
C PHE A 108 9.98 39.24 29.83
N LYS A 109 10.40 40.37 29.26
CA LYS A 109 11.66 40.40 28.52
C LYS A 109 12.83 40.06 29.42
N LYS A 110 12.85 40.61 30.64
CA LYS A 110 13.92 40.32 31.58
C LYS A 110 13.93 38.83 31.94
N GLU A 111 12.75 38.26 32.21
CA GLU A 111 12.68 36.86 32.58
C GLU A 111 13.18 35.96 31.46
N LEU A 112 12.74 36.21 30.22
CA LEU A 112 13.16 35.36 29.11
C LEU A 112 14.66 35.52 28.82
N ILE A 113 15.17 36.75 28.87
CA ILE A 113 16.59 36.93 28.61
C ILE A 113 17.42 36.30 29.73
N ASN A 114 16.89 36.26 30.95
CA ASN A 114 17.61 35.62 32.03
C ASN A 114 17.54 34.10 31.94
N LYS A 115 16.46 33.60 31.35
CA LYS A 115 16.24 32.16 31.25
C LYS A 115 16.92 31.47 30.07
N ALA A 116 17.65 32.22 29.25
CA ALA A 116 18.32 31.63 28.10
C ALA A 116 19.65 30.99 28.52
N ASN A 117 20.18 30.15 27.65
CA ASN A 117 21.47 29.51 27.85
C ASN A 117 22.60 30.24 27.13
N ILE A 118 22.35 31.45 26.65
CA ILE A 118 23.32 32.23 25.89
C ILE A 118 24.29 32.92 26.84
N ASN A 119 25.38 33.44 26.28
CA ASN A 119 26.35 34.22 27.05
C ASN A 119 25.93 35.68 27.09
N ASN A 120 26.70 36.47 27.85
CA ASN A 120 26.31 37.86 28.11
C ASN A 120 26.25 38.68 26.83
N GLU A 121 27.24 38.53 25.96
CA GLU A 121 27.20 39.22 24.67
C GLU A 121 26.02 38.73 23.83
N GLU A 122 25.83 37.42 23.80
CA GLU A 122 24.68 36.85 23.09
C GLU A 122 23.37 37.32 23.71
N LYS A 123 23.33 37.40 25.04
CA LYS A 123 22.14 37.90 25.71
C LYS A 123 21.86 39.34 25.33
N LYS A 124 22.90 40.16 25.25
CA LYS A 124 22.72 41.55 24.83
C LYS A 124 22.21 41.62 23.39
N GLN A 125 22.74 40.78 22.52
CA GLN A 125 22.27 40.75 21.13
C GLN A 125 20.79 40.40 21.06
N LEU A 126 20.38 39.36 21.78
CA LEU A 126 18.98 38.97 21.78
C LEU A 126 18.11 40.05 22.42
N ALA A 127 18.61 40.71 23.46
CA ALA A 127 17.86 41.78 24.11
C ALA A 127 17.60 42.92 23.13
N LYS A 128 18.64 43.35 22.42
CA LYS A 128 18.45 44.42 21.45
C LYS A 128 17.54 43.97 20.31
N LEU A 129 17.65 42.71 19.90
CA LEU A 129 16.76 42.18 18.87
C LEU A 129 15.30 42.28 19.29
N LEU A 130 15.00 41.80 20.50
CA LEU A 130 13.63 41.86 21.00
C LEU A 130 13.15 43.30 21.15
N ASP A 131 14.03 44.18 21.64
CA ASP A 131 13.64 45.56 21.87
C ASP A 131 13.31 46.29 20.57
N LYS A 132 14.13 46.11 19.53
CA LYS A 132 13.94 46.93 18.34
C LYS A 132 12.79 46.41 17.48
N TYR A 133 12.38 45.17 17.71
CA TYR A 133 11.06 44.71 17.25
C TYR A 133 10.03 44.77 18.38
N ASP A 134 9.88 45.91 19.05
CA ASP A 134 8.98 45.97 20.19
C ASP A 134 7.51 45.91 19.77
N VAL A 135 7.20 46.36 18.56
CA VAL A 135 5.81 46.43 18.11
C VAL A 135 5.18 45.04 18.03
N LEU A 136 5.98 43.99 17.86
CA LEU A 136 5.43 42.66 17.60
C LEU A 136 4.53 42.18 18.73
N TRP A 137 4.97 42.34 19.97
CA TRP A 137 4.28 41.68 21.07
C TRP A 137 3.10 42.53 21.54
N GLN A 138 2.18 41.89 22.24
CA GLN A 138 1.05 42.61 22.79
C GLN A 138 1.50 43.45 23.99
N GLN A 139 0.84 44.59 24.15
CA GLN A 139 1.08 45.43 25.31
C GLN A 139 -0.20 45.67 26.10
N TRP A 140 -1.23 44.85 25.89
CA TRP A 140 -2.50 45.02 26.58
C TRP A 140 -3.19 43.67 26.68
N GLU A 141 -4.10 43.57 27.63
CA GLU A 141 -4.94 42.39 27.73
C GLU A 141 -5.91 42.33 26.57
N ASN A 142 -6.16 41.13 26.06
CA ASN A 142 -7.08 40.91 24.94
C ASN A 142 -6.68 41.71 23.71
N GLN A 143 -5.39 41.95 23.53
CA GLN A 143 -4.91 42.63 22.34
C GLN A 143 -4.99 41.68 21.15
N VAL A 144 -5.56 42.16 20.05
CA VAL A 144 -5.74 41.35 18.85
C VAL A 144 -5.20 42.12 17.65
N GLY A 145 -4.89 41.37 16.59
CA GLY A 145 -4.30 41.92 15.39
C GLY A 145 -5.26 41.92 14.22
N HIS A 146 -4.73 42.35 13.08
CA HIS A 146 -5.49 42.41 11.83
C HIS A 146 -4.66 41.80 10.70
N ARG A 147 -5.36 41.29 9.69
CA ARG A 147 -4.72 40.62 8.57
C ARG A 147 -4.98 41.40 7.29
N LYS A 148 -3.95 41.52 6.45
CA LYS A 148 -4.03 42.26 5.20
C LYS A 148 -4.26 41.29 4.04
N ILE A 149 -5.46 40.73 4.02
CA ILE A 149 -5.84 39.76 2.98
C ILE A 149 -7.27 40.03 2.54
N PRO A 150 -7.65 39.57 1.36
CA PRO A 150 -9.06 39.61 0.98
C PRO A 150 -9.89 38.75 1.90
N PRO A 151 -11.15 39.13 2.14
CA PRO A 151 -11.96 38.40 3.12
C PRO A 151 -12.33 37.01 2.64
N HIS A 152 -12.83 36.22 3.58
CA HIS A 152 -13.28 34.86 3.32
C HIS A 152 -14.77 34.74 3.62
N ASN A 153 -15.50 34.06 2.74
CA ASN A 153 -16.95 33.94 2.84
C ASN A 153 -17.28 32.54 3.34
N ILE A 154 -18.06 32.47 4.43
CA ILE A 154 -18.56 31.19 4.92
C ILE A 154 -20.04 31.00 4.62
N ALA A 155 -20.74 32.03 4.17
CA ALA A 155 -22.17 31.93 3.93
C ALA A 155 -22.45 31.12 2.67
N THR A 156 -22.18 29.81 2.74
CA THR A 156 -22.43 28.90 1.63
C THR A 156 -23.65 28.01 1.88
N GLY A 157 -24.35 28.20 2.99
CA GLY A 157 -25.52 27.40 3.26
C GLY A 157 -26.68 27.76 2.34
N THR A 158 -27.56 26.79 2.13
CA THR A 158 -28.71 26.95 1.24
C THR A 158 -29.98 27.32 1.98
N VAL A 159 -30.24 26.71 3.14
CA VAL A 159 -31.46 26.93 3.90
C VAL A 159 -31.08 27.37 5.31
N ALA A 160 -31.81 28.37 5.82
CA ALA A 160 -31.52 28.95 7.12
C ALA A 160 -32.05 28.07 8.25
N PRO A 161 -31.37 28.08 9.40
CA PRO A 161 -31.89 27.36 10.57
C PRO A 161 -32.83 28.23 11.38
N ARG A 162 -33.32 27.72 12.51
CA ARG A 162 -34.22 28.48 13.36
C ARG A 162 -33.44 29.12 14.50
N PRO A 163 -33.59 30.41 14.75
CA PRO A 163 -32.83 31.04 15.84
C PRO A 163 -33.29 30.55 17.20
N GLN A 164 -32.43 30.74 18.19
CA GLN A 164 -32.65 30.23 19.54
C GLN A 164 -32.43 31.33 20.56
N ARG A 165 -32.70 30.99 21.82
CA ARG A 165 -32.56 31.91 22.94
C ARG A 165 -31.55 31.37 23.94
N GLN A 166 -31.14 32.23 24.86
CA GLN A 166 -30.12 31.89 25.84
C GLN A 166 -30.74 31.27 27.09
N TYR A 167 -30.06 30.28 27.64
CA TYR A 167 -30.43 29.67 28.90
C TYR A 167 -29.64 30.31 30.04
N HIS A 168 -29.67 29.68 31.22
CA HIS A 168 -29.06 30.27 32.41
C HIS A 168 -27.57 30.50 32.22
N ILE A 169 -27.04 31.51 32.92
CA ILE A 169 -25.65 31.93 32.81
C ILE A 169 -25.01 31.85 34.19
N ASN A 170 -23.76 31.40 34.25
CA ASN A 170 -23.01 31.41 35.50
C ASN A 170 -22.83 32.84 36.01
N THR A 171 -22.99 33.00 37.32
CA THR A 171 -22.93 34.33 37.92
C THR A 171 -21.50 34.84 38.04
N LYS A 172 -20.54 33.95 38.28
CA LYS A 172 -19.19 34.38 38.61
C LYS A 172 -18.54 35.14 37.46
N ALA A 173 -18.70 34.66 36.23
CA ALA A 173 -17.98 35.23 35.10
C ALA A 173 -18.63 36.50 34.56
N LYS A 174 -19.82 36.86 35.03
CA LYS A 174 -20.58 37.95 34.42
C LYS A 174 -19.80 39.26 34.31
N PRO A 175 -19.18 39.78 35.38
CA PRO A 175 -18.36 41.00 35.20
C PRO A 175 -17.19 40.80 34.25
N SER A 176 -16.57 39.62 34.29
CA SER A 176 -15.42 39.36 33.42
C SER A 176 -15.84 39.35 31.96
N ILE A 177 -16.94 38.65 31.64
CA ILE A 177 -17.43 38.64 30.26
C ILE A 177 -17.88 40.03 29.83
N GLN A 178 -18.49 40.78 30.75
CA GLN A 178 -18.88 42.16 30.41
C GLN A 178 -17.65 42.99 30.05
N GLN A 179 -16.58 42.87 30.83
CA GLN A 179 -15.36 43.58 30.52
C GLN A 179 -14.77 43.13 29.20
N VAL A 180 -14.81 41.83 28.92
CA VAL A 180 -14.30 41.31 27.66
C VAL A 180 -15.07 41.89 26.49
N ILE A 181 -16.40 41.92 26.59
CA ILE A 181 -17.22 42.45 25.51
C ILE A 181 -16.99 43.95 25.33
N ASP A 182 -16.84 44.68 26.43
CA ASP A 182 -16.53 46.11 26.33
C ASP A 182 -15.19 46.33 25.63
N ASP A 183 -14.18 45.53 25.99
CA ASP A 183 -12.88 45.65 25.34
C ASP A 183 -12.98 45.35 23.84
N LEU A 184 -13.74 44.31 23.49
CA LEU A 184 -13.94 43.99 22.07
C LEU A 184 -14.63 45.15 21.35
N LEU A 185 -15.61 45.77 22.01
CA LEU A 185 -16.29 46.91 21.42
C LEU A 185 -15.32 48.07 21.19
N LYS A 186 -14.41 48.28 22.14
CA LYS A 186 -13.43 49.34 22.04
C LYS A 186 -12.65 49.16 20.74
N GLN A 187 -12.20 47.93 20.48
CA GLN A 187 -11.45 47.64 19.27
C GLN A 187 -12.35 47.48 18.05
N GLY A 188 -13.67 47.54 18.22
CA GLY A 188 -14.58 47.50 17.09
C GLY A 188 -14.75 46.14 16.45
N VAL A 189 -14.26 45.08 17.09
CA VAL A 189 -14.41 43.74 16.51
C VAL A 189 -15.87 43.31 16.55
N LEU A 190 -16.58 43.67 17.61
CA LEU A 190 -17.98 43.30 17.79
C LEU A 190 -18.86 44.54 17.67
N ILE A 191 -19.93 44.44 16.91
CA ILE A 191 -20.79 45.59 16.63
C ILE A 191 -22.23 45.25 16.98
N LYS A 192 -22.90 46.15 17.69
CA LYS A 192 -24.31 45.96 18.00
C LYS A 192 -25.15 46.09 16.73
N GLN A 193 -25.82 45.01 16.34
CA GLN A 193 -26.66 45.01 15.17
C GLN A 193 -27.58 43.81 15.21
N THR A 194 -28.86 44.04 14.93
CA THR A 194 -29.88 43.01 14.95
C THR A 194 -29.90 42.29 13.60
N SER A 195 -30.07 40.96 13.64
CA SER A 195 -30.11 40.15 12.44
C SER A 195 -31.17 39.07 12.60
N VAL A 196 -31.35 38.28 11.53
CA VAL A 196 -32.34 37.22 11.54
C VAL A 196 -31.92 36.10 12.51
N MET A 197 -30.66 35.70 12.44
CA MET A 197 -30.17 34.60 13.27
C MET A 197 -29.78 35.10 14.66
N ASN A 198 -29.80 34.19 15.62
CA ASN A 198 -29.34 34.48 16.97
C ASN A 198 -28.74 33.21 17.56
N THR A 199 -27.64 33.37 18.30
CA THR A 199 -26.89 32.24 18.81
C THR A 199 -26.64 32.39 20.30
N PRO A 200 -26.52 31.28 21.03
CA PRO A 200 -26.35 31.34 22.48
C PRO A 200 -24.92 31.65 22.88
N ILE A 201 -24.75 31.93 24.17
CA ILE A 201 -23.44 32.21 24.76
C ILE A 201 -23.22 31.24 25.91
N TYR A 202 -21.95 30.90 26.15
CA TYR A 202 -21.58 29.93 27.18
C TYR A 202 -20.17 30.22 27.64
N PRO A 203 -19.98 30.56 28.92
CA PRO A 203 -18.63 30.77 29.44
C PRO A 203 -17.92 29.46 29.72
N VAL A 204 -16.59 29.50 29.69
CA VAL A 204 -15.77 28.33 30.00
C VAL A 204 -14.67 28.75 30.97
N PRO A 205 -14.41 27.97 32.03
CA PRO A 205 -13.34 28.35 32.97
C PRO A 205 -11.97 28.34 32.31
N LYS A 206 -11.10 29.21 32.82
CA LYS A 206 -9.75 29.40 32.32
C LYS A 206 -8.75 29.21 33.45
N PRO A 207 -7.47 29.00 33.13
CA PRO A 207 -6.48 28.82 34.20
C PRO A 207 -6.45 29.97 35.19
N ASP A 208 -6.62 31.20 34.72
CA ASP A 208 -6.68 32.37 35.60
C ASP A 208 -8.12 32.56 36.07
N GLY A 209 -8.40 33.70 36.70
CA GLY A 209 -9.77 34.02 37.07
C GLY A 209 -10.65 34.40 35.90
N LYS A 210 -10.07 34.60 34.73
CA LYS A 210 -10.83 34.95 33.54
C LYS A 210 -11.56 33.73 32.99
N TRP A 211 -12.35 33.96 31.95
CA TRP A 211 -13.10 32.92 31.27
C TRP A 211 -12.97 33.13 29.77
N ARG A 212 -12.63 32.06 29.05
CA ARG A 212 -12.54 32.09 27.60
C ARG A 212 -13.95 32.17 27.01
N MET A 213 -14.07 32.74 25.81
CA MET A 213 -15.36 32.90 25.15
C MET A 213 -15.56 31.75 24.17
N VAL A 214 -16.62 30.96 24.39
CA VAL A 214 -16.99 29.89 23.48
C VAL A 214 -18.48 29.98 23.20
N LEU A 215 -18.88 29.49 22.03
CA LEU A 215 -20.27 29.55 21.59
C LEU A 215 -20.68 28.20 21.04
N ASP A 216 -21.99 27.93 21.07
CA ASP A 216 -22.54 26.69 20.56
C ASP A 216 -23.27 26.96 19.25
N TYR A 217 -22.82 26.30 18.18
CA TYR A 217 -23.43 26.39 16.86
C TYR A 217 -23.83 24.97 16.46
N ARG A 218 -25.02 24.55 16.85
CA ARG A 218 -25.46 23.20 16.54
C ARG A 218 -26.19 23.15 15.20
N ALA A 219 -27.31 23.86 15.09
CA ALA A 219 -28.04 23.89 13.82
C ALA A 219 -27.21 24.54 12.72
N VAL A 220 -26.46 25.58 13.08
CA VAL A 220 -25.61 26.26 12.11
C VAL A 220 -24.61 25.28 11.51
N ASN A 221 -23.96 24.48 12.35
CA ASN A 221 -23.04 23.47 11.86
C ASN A 221 -23.76 22.34 11.12
N LYS A 222 -25.01 22.07 11.48
CA LYS A 222 -25.78 21.04 10.76
C LYS A 222 -26.10 21.49 9.35
N THR A 223 -26.31 22.78 9.13
CA THR A 223 -26.79 23.28 7.85
C THR A 223 -25.69 23.85 6.96
N VAL A 224 -24.43 23.63 7.29
CA VAL A 224 -23.33 24.21 6.51
C VAL A 224 -22.47 23.10 5.91
N PRO A 225 -22.05 23.23 4.65
CA PRO A 225 -21.08 22.29 4.11
C PRO A 225 -19.72 22.44 4.78
N LEU A 226 -18.99 21.34 4.84
CA LEU A 226 -17.69 21.29 5.49
C LEU A 226 -16.56 21.29 4.47
N ILE A 227 -15.50 22.01 4.80
CA ILE A 227 -14.26 21.97 4.04
C ILE A 227 -13.39 20.87 4.62
N GLY A 228 -12.97 19.94 3.77
CA GLY A 228 -12.25 18.75 4.20
C GLY A 228 -10.75 18.79 4.09
N ALA A 229 -10.15 19.97 3.95
CA ALA A 229 -8.70 20.05 3.83
C ALA A 229 -8.02 19.56 5.10
N GLN A 230 -7.30 18.45 4.99
CA GLN A 230 -6.66 17.80 6.14
C GLN A 230 -5.22 18.28 6.22
N ASN A 231 -4.95 19.15 7.19
CA ASN A 231 -3.60 19.68 7.39
C ASN A 231 -3.26 19.80 8.87
N GLN A 232 -3.80 18.92 9.71
CA GLN A 232 -3.56 18.94 11.15
C GLN A 232 -3.41 17.51 11.63
N HIS A 233 -2.16 17.03 11.70
CA HIS A 233 -1.86 15.69 12.19
C HIS A 233 -0.74 15.81 13.22
N SER A 234 -1.11 15.81 14.50
CA SER A 234 -0.14 16.02 15.56
C SER A 234 0.88 14.90 15.61
N LEU A 235 0.43 13.64 15.49
CA LEU A 235 1.34 12.51 15.67
C LEU A 235 2.43 12.51 14.61
N GLY A 236 2.07 12.79 13.36
CA GLY A 236 3.08 12.87 12.31
C GLY A 236 4.10 13.97 12.58
N ILE A 237 3.63 15.12 13.07
CA ILE A 237 4.54 16.22 13.37
C ILE A 237 5.51 15.82 14.47
N LEU A 238 4.99 15.22 15.55
CA LEU A 238 5.84 14.87 16.67
C LEU A 238 6.71 13.65 16.39
N THR A 239 6.42 12.88 15.35
CA THR A 239 7.27 11.77 14.96
C THR A 239 8.19 12.10 13.80
N ASN A 240 8.03 13.25 13.16
CA ASN A 240 8.80 13.60 11.98
C ASN A 240 9.70 14.80 12.14
N LEU A 241 9.60 15.54 13.25
CA LEU A 241 10.38 16.76 13.39
C LEU A 241 11.86 16.44 13.57
N VAL A 242 12.69 17.42 13.20
CA VAL A 242 14.13 17.31 13.36
C VAL A 242 14.51 17.91 14.71
N ARG A 243 15.49 17.29 15.37
CA ARG A 243 15.95 17.73 16.68
C ARG A 243 17.39 18.22 16.57
N GLN A 244 17.67 19.36 17.19
CA GLN A 244 19.00 19.95 17.18
C GLN A 244 19.35 20.42 18.59
N LYS A 245 20.48 21.10 18.72
CA LYS A 245 20.99 21.44 20.04
C LYS A 245 20.15 22.52 20.72
N TYR A 246 19.84 23.61 20.01
CA TYR A 246 19.15 24.75 20.56
C TYR A 246 17.74 24.80 19.98
N LYS A 247 16.73 24.69 20.83
CA LYS A 247 15.34 24.67 20.38
C LYS A 247 14.64 25.98 20.72
N SER A 248 13.55 26.25 20.00
CA SER A 248 12.75 27.43 20.24
C SER A 248 11.36 27.23 19.66
N THR A 249 10.40 27.94 20.26
CA THR A 249 9.00 27.86 19.86
C THR A 249 8.34 29.22 20.03
N ILE A 250 7.27 29.44 19.27
CA ILE A 250 6.47 30.66 19.33
C ILE A 250 5.01 30.28 19.28
N ASP A 251 4.21 30.86 20.17
CA ASP A 251 2.78 30.57 20.23
C ASP A 251 1.99 31.83 19.94
N LEU A 252 1.10 31.75 18.95
CA LEU A 252 0.23 32.86 18.61
C LEU A 252 -0.92 32.96 19.59
N SER A 253 -1.39 34.18 19.82
CA SER A 253 -2.46 34.45 20.74
C SER A 253 -3.58 35.22 20.04
N ASN A 254 -4.82 34.84 20.34
CA ASN A 254 -6.01 35.49 19.78
C ASN A 254 -5.98 35.51 18.27
N GLY A 255 -5.48 34.42 17.67
CA GLY A 255 -5.32 34.39 16.23
C GLY A 255 -6.63 34.43 15.48
N PHE A 256 -7.65 33.74 15.99
CA PHE A 256 -8.93 33.66 15.30
C PHE A 256 -9.60 35.02 15.18
N TRP A 257 -9.15 36.01 15.95
CA TRP A 257 -9.75 37.34 15.95
C TRP A 257 -9.13 38.26 14.91
N ALA A 258 -8.22 37.77 14.07
CA ALA A 258 -7.47 38.63 13.16
C ALA A 258 -7.85 38.45 11.70
N HIS A 259 -8.74 37.51 11.37
CA HIS A 259 -9.10 37.26 9.98
C HIS A 259 -10.56 37.63 9.73
N PRO A 260 -10.83 38.65 8.94
CA PRO A 260 -12.19 39.16 8.81
C PRO A 260 -13.06 38.28 7.92
N ILE A 261 -14.29 38.75 7.69
CA ILE A 261 -15.29 38.04 6.90
C ILE A 261 -15.90 39.03 5.91
N THR A 262 -16.53 38.48 4.88
CA THR A 262 -17.21 39.31 3.90
C THR A 262 -18.42 40.01 4.52
N LYS A 263 -18.80 41.13 3.92
CA LYS A 263 -19.84 41.97 4.51
C LYS A 263 -21.18 41.26 4.57
N ASP A 264 -21.51 40.48 3.54
CA ASP A 264 -22.82 39.84 3.50
C ASP A 264 -22.90 38.58 4.34
N SER A 265 -21.76 38.03 4.79
CA SER A 265 -21.76 36.77 5.52
C SER A 265 -21.71 36.94 7.03
N GLN A 266 -21.72 38.17 7.54
CA GLN A 266 -21.55 38.37 8.97
C GLN A 266 -22.81 38.07 9.77
N TRP A 267 -23.97 38.07 9.14
CA TRP A 267 -25.22 38.00 9.89
C TRP A 267 -25.40 36.69 10.65
N ILE A 268 -24.68 35.63 10.26
CA ILE A 268 -24.81 34.36 10.95
C ILE A 268 -24.21 34.43 12.35
N THR A 269 -23.14 35.21 12.52
CA THR A 269 -22.42 35.26 13.80
C THR A 269 -23.16 36.03 14.89
N ALA A 270 -24.42 36.37 14.68
CA ALA A 270 -25.18 37.17 15.63
C ALA A 270 -25.38 36.41 16.95
N PHE A 271 -25.49 37.17 18.04
CA PHE A 271 -25.67 36.58 19.36
C PHE A 271 -26.24 37.63 20.32
N THR A 272 -26.90 37.14 21.37
CA THR A 272 -27.60 37.99 22.32
C THR A 272 -26.81 38.14 23.62
N TRP A 273 -26.74 39.37 24.12
CA TRP A 273 -26.09 39.68 25.39
C TRP A 273 -26.87 40.79 26.08
N GLU A 274 -27.50 40.44 27.21
CA GLU A 274 -28.21 41.40 28.05
C GLU A 274 -29.28 42.15 27.26
N GLY A 275 -29.98 41.43 26.39
CA GLY A 275 -31.02 42.03 25.58
C GLY A 275 -30.52 42.84 24.40
N LYS A 276 -29.22 42.81 24.10
CA LYS A 276 -28.65 43.52 22.98
C LYS A 276 -28.07 42.53 21.98
N GLN A 277 -28.29 42.77 20.71
CA GLN A 277 -27.87 41.86 19.65
C GLN A 277 -26.56 42.34 19.05
N HIS A 278 -25.59 41.43 18.90
CA HIS A 278 -24.25 41.78 18.47
C HIS A 278 -23.77 40.82 17.39
N VAL A 279 -22.86 41.31 16.55
CA VAL A 279 -22.35 40.58 15.41
C VAL A 279 -20.84 40.72 15.35
N TRP A 280 -20.18 39.66 14.89
CA TRP A 280 -18.73 39.60 14.77
C TRP A 280 -18.25 40.35 13.53
N THR A 281 -16.93 40.56 13.48
CA THR A 281 -16.25 41.07 12.31
C THR A 281 -15.30 40.06 11.69
N ARG A 282 -14.71 39.21 12.50
CA ARG A 282 -13.68 38.28 12.07
C ARG A 282 -14.19 36.85 12.25
N LEU A 283 -13.29 35.90 12.06
CA LEU A 283 -13.66 34.49 12.18
C LEU A 283 -14.04 34.19 13.63
N PRO A 284 -15.25 33.67 13.87
CA PRO A 284 -15.66 33.39 15.25
C PRO A 284 -15.14 32.04 15.73
N GLN A 285 -14.56 32.05 16.92
CA GLN A 285 -14.09 30.81 17.54
C GLN A 285 -15.27 29.89 17.84
N GLY A 286 -15.03 28.60 17.72
CA GLY A 286 -16.09 27.62 17.82
C GLY A 286 -16.78 27.29 16.51
N PHE A 287 -16.38 27.93 15.41
CA PHE A 287 -16.93 27.64 14.10
C PHE A 287 -16.10 26.55 13.43
N LEU A 288 -16.79 25.64 12.74
CA LEU A 288 -16.15 24.40 12.30
C LEU A 288 -15.03 24.67 11.28
N ASN A 289 -15.25 25.57 10.34
CA ASN A 289 -14.26 25.82 9.29
C ASN A 289 -13.17 26.79 9.70
N SER A 290 -13.35 27.49 10.82
CA SER A 290 -12.34 28.45 11.27
C SER A 290 -10.99 27.81 11.55
N PRO A 291 -10.88 26.68 12.26
CA PRO A 291 -9.54 26.09 12.43
C PRO A 291 -8.90 25.71 11.12
N ALA A 292 -9.68 25.23 10.15
CA ALA A 292 -9.13 24.88 8.85
C ALA A 292 -8.57 26.10 8.14
N LEU A 293 -9.36 27.18 8.10
CA LEU A 293 -8.88 28.40 7.47
C LEU A 293 -7.62 28.92 8.16
N PHE A 294 -7.62 28.90 9.50
CA PHE A 294 -6.49 29.41 10.25
C PHE A 294 -5.23 28.61 9.98
N THR A 295 -5.31 27.28 10.05
CA THR A 295 -4.12 26.47 9.83
C THR A 295 -3.65 26.60 8.39
N ALA A 296 -4.57 26.69 7.43
CA ALA A 296 -4.16 26.86 6.04
C ALA A 296 -3.39 28.16 5.87
N ASP A 297 -3.92 29.26 6.42
CA ASP A 297 -3.22 30.53 6.35
C ASP A 297 -1.83 30.41 6.96
N VAL A 298 -1.75 29.92 8.19
CA VAL A 298 -0.49 29.92 8.91
C VAL A 298 0.56 29.08 8.19
N VAL A 299 0.18 27.89 7.71
CA VAL A 299 1.14 27.09 6.98
C VAL A 299 1.53 27.78 5.68
N ASP A 300 0.62 28.58 5.11
CA ASP A 300 0.99 29.34 3.92
C ASP A 300 2.06 30.37 4.22
N LEU A 301 1.99 31.01 5.39
CA LEU A 301 3.02 32.00 5.72
C LEU A 301 4.42 31.41 5.71
N LEU A 302 4.61 30.25 6.34
CA LEU A 302 5.94 29.76 6.66
C LEU A 302 6.39 28.65 5.71
N LYS A 303 6.06 28.78 4.42
CA LYS A 303 6.46 27.76 3.47
C LYS A 303 7.98 27.75 3.26
N ASN A 304 8.57 28.92 2.99
CA ASN A 304 9.95 28.98 2.52
C ASN A 304 10.98 28.73 3.62
N ILE A 305 10.64 29.00 4.86
CA ILE A 305 11.64 28.90 5.93
C ILE A 305 12.00 27.44 6.16
N PRO A 306 13.27 27.06 6.07
CA PRO A 306 13.63 25.64 6.25
C PRO A 306 13.53 25.21 7.70
N GLY A 307 13.30 23.91 7.88
CA GLY A 307 13.33 23.30 9.20
C GLY A 307 12.33 23.86 10.18
N ILE A 308 11.08 23.99 9.76
CA ILE A 308 10.03 24.61 10.57
C ILE A 308 8.90 23.61 10.73
N SER A 309 8.39 23.49 11.96
CA SER A 309 7.22 22.67 12.24
C SER A 309 6.10 23.59 12.70
N VAL A 310 4.95 23.51 12.03
CA VAL A 310 3.83 24.40 12.29
C VAL A 310 2.61 23.57 12.64
N TYR A 311 1.91 23.97 13.69
CA TYR A 311 0.68 23.27 14.08
C TYR A 311 -0.27 24.28 14.71
N VAL A 312 -1.34 24.59 13.99
CA VAL A 312 -2.38 25.50 14.46
C VAL A 312 -1.79 26.84 14.83
N ASP A 313 -1.51 27.04 16.12
CA ASP A 313 -1.03 28.33 16.62
C ASP A 313 0.39 28.27 17.13
N ASP A 314 1.15 27.23 16.80
CA ASP A 314 2.49 27.06 17.35
C ASP A 314 3.48 26.81 16.24
N ILE A 315 4.66 27.41 16.38
CA ILE A 315 5.78 27.26 15.46
C ILE A 315 6.97 26.77 16.26
N TYR A 316 7.62 25.71 15.77
CA TYR A 316 8.73 25.08 16.46
C TYR A 316 9.91 24.94 15.51
N PHE A 317 11.12 25.10 16.04
CA PHE A 317 12.31 24.79 15.26
C PHE A 317 13.51 24.73 16.19
N SER A 318 14.49 23.93 15.77
CA SER A 318 15.75 23.80 16.49
C SER A 318 16.91 23.90 15.51
N THR A 319 17.99 24.54 15.95
CA THR A 319 19.19 24.71 15.16
C THR A 319 20.39 24.36 16.04
N GLU A 320 21.60 24.62 15.54
CA GLU A 320 22.81 24.23 16.24
C GLU A 320 23.58 25.41 16.82
N THR A 321 23.89 26.41 16.00
CA THR A 321 24.72 27.52 16.45
C THR A 321 23.89 28.79 16.57
N VAL A 322 24.47 29.77 17.27
CA VAL A 322 23.74 30.98 17.63
C VAL A 322 23.48 31.84 16.40
N SER A 323 24.43 31.89 15.46
CA SER A 323 24.32 32.82 14.34
C SER A 323 23.13 32.49 13.45
N GLU A 324 23.03 31.24 13.00
CA GLU A 324 21.92 30.84 12.14
C GLU A 324 20.60 30.91 12.89
N HIS A 325 20.62 30.57 14.19
CA HIS A 325 19.41 30.66 14.99
C HIS A 325 18.90 32.09 15.04
N LEU A 326 19.80 33.05 15.28
CA LEU A 326 19.40 34.46 15.31
C LEU A 326 18.93 34.92 13.94
N LYS A 327 19.60 34.47 12.87
CA LYS A 327 19.18 34.86 11.53
C LYS A 327 17.76 34.38 11.24
N ILE A 328 17.50 33.10 11.48
CA ILE A 328 16.18 32.55 11.17
C ILE A 328 15.12 33.18 12.08
N LEU A 329 15.47 33.44 13.35
CA LEU A 329 14.52 34.07 14.25
C LEU A 329 14.16 35.47 13.79
N GLU A 330 15.15 36.26 13.35
CA GLU A 330 14.84 37.61 12.91
C GLU A 330 14.06 37.61 11.59
N LYS A 331 14.36 36.65 10.70
CA LYS A 331 13.57 36.54 9.48
C LYS A 331 12.13 36.19 9.81
N VAL A 332 11.92 35.27 10.75
CA VAL A 332 10.57 34.92 11.17
C VAL A 332 9.88 36.13 11.79
N PHE A 333 10.60 36.89 12.61
CA PHE A 333 10.00 38.08 13.21
C PHE A 333 9.58 39.08 12.15
N LYS A 334 10.42 39.27 11.12
CA LYS A 334 10.06 40.18 10.05
C LYS A 334 8.82 39.69 9.29
N ILE A 335 8.77 38.39 9.01
CA ILE A 335 7.63 37.87 8.25
C ILE A 335 6.35 37.96 9.08
N LEU A 336 6.46 37.80 10.40
CA LEU A 336 5.29 37.98 11.26
C LEU A 336 4.89 39.45 11.34
N LEU A 337 5.88 40.35 11.34
CA LEU A 337 5.58 41.78 11.36
C LEU A 337 4.82 42.19 10.12
N GLU A 338 5.27 41.74 8.94
CA GLU A 338 4.53 42.07 7.74
C GLU A 338 3.20 41.34 7.68
N ALA A 339 3.09 40.18 8.35
CA ALA A 339 1.85 39.43 8.36
C ALA A 339 0.78 40.09 9.22
N GLY A 340 1.17 40.98 10.13
CA GLY A 340 0.22 41.60 11.03
C GLY A 340 -0.16 40.79 12.25
N TYR A 341 0.49 39.66 12.47
CA TYR A 341 0.20 38.84 13.64
C TYR A 341 0.89 39.41 14.88
N ILE A 342 0.56 38.81 16.03
CA ILE A 342 1.05 39.26 17.33
C ILE A 342 1.43 38.05 18.17
N VAL A 343 2.44 38.23 19.02
CA VAL A 343 3.05 37.14 19.77
C VAL A 343 3.08 37.49 21.25
N SER A 344 2.82 36.51 22.11
CA SER A 344 2.84 36.70 23.55
C SER A 344 4.08 36.08 24.17
N LEU A 345 4.67 36.78 25.14
CA LEU A 345 5.83 36.24 25.84
C LEU A 345 5.47 35.03 26.67
N LYS A 346 4.35 35.11 27.40
CA LYS A 346 4.05 34.12 28.43
C LYS A 346 3.89 32.72 27.83
N LYS A 347 3.22 32.62 26.70
CA LYS A 347 3.00 31.34 26.05
C LYS A 347 4.19 30.90 25.19
N SER A 348 5.23 31.72 25.08
CA SER A 348 6.34 31.45 24.19
C SER A 348 7.65 31.34 24.96
N ALA A 349 8.61 30.66 24.34
CA ALA A 349 9.95 30.51 24.91
C ALA A 349 10.91 30.16 23.79
N LEU A 350 12.14 30.63 23.90
CA LEU A 350 13.12 30.42 22.83
C LEU A 350 14.49 30.20 23.42
N LEU A 351 15.36 29.61 22.59
CA LEU A 351 16.77 29.39 22.91
C LEU A 351 16.92 28.57 24.20
N ARG A 352 16.47 27.32 24.11
CA ARG A 352 16.48 26.44 25.27
C ARG A 352 17.05 25.09 24.88
N TYR A 353 17.26 24.25 25.89
CA TYR A 353 17.75 22.89 25.71
C TYR A 353 16.65 21.85 25.89
N GLU A 354 15.81 21.99 26.91
CA GLU A 354 14.61 21.19 27.07
C GLU A 354 13.40 22.10 26.94
N VAL A 355 12.33 21.58 26.31
CA VAL A 355 11.12 22.38 26.16
C VAL A 355 9.94 21.45 25.96
N THR A 356 8.77 21.91 26.41
CA THR A 356 7.53 21.17 26.22
C THR A 356 6.93 21.52 24.86
N PHE A 357 6.25 20.55 24.25
CA PHE A 357 5.64 20.73 22.94
C PHE A 357 4.52 19.71 22.81
N LEU A 358 3.28 20.19 22.68
CA LEU A 358 2.11 19.33 22.53
C LEU A 358 2.01 18.32 23.67
N GLY A 359 2.47 18.72 24.85
CA GLY A 359 2.41 17.85 26.02
C GLY A 359 3.55 16.86 26.14
N PHE A 360 4.55 16.93 25.29
CA PHE A 360 5.70 16.04 25.36
C PHE A 360 6.97 16.86 25.55
N SER A 361 7.85 16.41 26.44
CA SER A 361 9.06 17.15 26.75
C SER A 361 10.20 16.65 25.87
N ILE A 362 10.77 17.54 25.07
CA ILE A 362 11.92 17.21 24.24
C ILE A 362 13.18 17.73 24.92
N THR A 363 14.18 16.86 25.02
CA THR A 363 15.41 17.12 25.77
C THR A 363 16.63 16.94 24.89
N GLN A 364 17.82 16.97 25.49
CA GLN A 364 19.03 16.74 24.74
C GLN A 364 19.12 15.32 24.22
N THR A 365 18.47 14.37 24.89
CA THR A 365 18.53 12.98 24.48
C THR A 365 17.37 12.59 23.57
N GLY A 366 16.18 13.12 23.80
CA GLY A 366 15.03 12.79 22.99
C GLY A 366 13.74 13.17 23.70
N ARG A 367 12.63 12.84 23.03
CA ARG A 367 11.33 13.17 23.56
C ARG A 367 10.91 12.17 24.64
N GLY A 368 10.08 12.65 25.56
CA GLY A 368 9.60 11.82 26.66
C GLY A 368 8.45 12.49 27.37
N LEU A 369 8.03 11.85 28.46
CA LEU A 369 6.91 12.34 29.25
C LEU A 369 7.32 13.53 30.10
N THR A 370 6.33 14.29 30.53
CA THR A 370 6.55 15.43 31.40
C THR A 370 6.31 15.05 32.86
N SER A 371 6.77 15.93 33.76
CA SER A 371 6.54 15.72 35.19
C SER A 371 5.06 15.86 35.52
N GLU A 372 4.35 16.77 34.85
CA GLU A 372 2.95 17.02 35.16
C GLU A 372 2.10 15.78 34.92
N PHE A 373 2.30 15.10 33.78
CA PHE A 373 1.52 13.90 33.49
C PHE A 373 1.85 12.79 34.47
N LYS A 374 3.12 12.68 34.86
CA LYS A 374 3.51 11.70 35.87
C LYS A 374 2.79 11.96 37.19
N ASP A 375 2.72 13.24 37.59
CA ASP A 375 1.98 13.58 38.79
C ASP A 375 0.50 13.23 38.65
N LYS A 376 -0.08 13.53 37.49
CA LYS A 376 -1.49 13.25 37.27
C LYS A 376 -1.78 11.75 37.38
N ILE A 377 -0.95 10.92 36.75
CA ILE A 377 -1.17 9.49 36.81
C ILE A 377 -0.88 8.94 38.20
N GLN A 378 0.07 9.52 38.92
CA GLN A 378 0.39 9.02 40.26
C GLN A 378 -0.66 9.40 41.30
N ASN A 379 -1.56 10.34 40.97
CA ASN A 379 -2.58 10.78 41.90
C ASN A 379 -3.94 10.15 41.62
N ILE A 380 -3.98 9.07 40.87
CA ILE A 380 -5.23 8.41 40.53
C ILE A 380 -5.60 7.43 41.63
N THR A 381 -6.87 7.07 41.69
CA THR A 381 -7.40 6.13 42.66
C THR A 381 -8.15 5.02 41.92
N SER A 382 -8.76 4.14 42.70
CA SER A 382 -9.55 3.06 42.12
C SER A 382 -10.77 3.63 41.43
N PRO A 383 -11.05 3.24 40.19
CA PRO A 383 -12.26 3.73 39.51
C PRO A 383 -13.51 3.20 40.17
N ARG A 384 -14.59 3.96 40.03
CA ARG A 384 -15.88 3.60 40.63
C ARG A 384 -17.01 3.48 39.62
N THR A 385 -16.97 4.22 38.52
CA THR A 385 -18.04 4.20 37.53
C THR A 385 -17.46 3.92 36.16
N LEU A 386 -18.35 3.62 35.21
CA LEU A 386 -17.92 3.36 33.84
C LEU A 386 -17.29 4.61 33.23
N LYS A 387 -17.85 5.78 33.53
CA LYS A 387 -17.34 7.02 32.95
C LYS A 387 -15.92 7.29 33.42
N GLU A 388 -15.70 7.24 34.74
CA GLU A 388 -14.36 7.46 35.27
C GLU A 388 -13.40 6.37 34.78
N LEU A 389 -13.88 5.14 34.68
CA LEU A 389 -13.04 4.06 34.17
C LEU A 389 -12.58 4.35 32.75
N GLN A 390 -13.52 4.72 31.87
CA GLN A 390 -13.17 5.05 30.51
C GLN A 390 -12.21 6.23 30.46
N SER A 391 -12.42 7.21 31.32
CA SER A 391 -11.52 8.37 31.35
C SER A 391 -10.11 7.95 31.74
N ILE A 392 -9.98 7.15 32.79
CA ILE A 392 -8.66 6.71 33.24
C ILE A 392 -7.97 5.93 32.14
N LEU A 393 -8.70 5.03 31.50
CA LEU A 393 -8.09 4.24 30.42
C LEU A 393 -7.74 5.11 29.22
N GLY A 394 -8.49 6.19 28.97
CA GLY A 394 -8.12 7.09 27.90
C GLY A 394 -6.82 7.82 28.21
N LEU A 395 -6.70 8.34 29.43
CA LEU A 395 -5.43 8.95 29.84
C LEU A 395 -4.28 7.96 29.70
N PHE A 396 -4.52 6.70 30.03
CA PHE A 396 -3.44 5.71 29.91
C PHE A 396 -3.13 5.44 28.45
N ASN A 397 -4.16 5.36 27.60
CA ASN A 397 -3.97 5.10 26.17
C ASN A 397 -3.26 6.26 25.48
N PHE A 398 -3.31 7.46 26.07
CA PHE A 398 -2.64 8.60 25.47
C PHE A 398 -1.16 8.33 25.19
N ALA A 399 -0.49 7.61 26.10
CA ALA A 399 0.95 7.38 26.01
C ALA A 399 1.27 5.92 25.71
N ARG A 400 0.48 5.30 24.82
CA ARG A 400 0.60 3.88 24.55
C ARG A 400 1.88 3.49 23.82
N ASN A 401 2.66 4.46 23.33
CA ASN A 401 3.86 4.16 22.54
C ASN A 401 5.16 4.51 23.26
N PHE A 402 5.21 4.36 24.58
CA PHE A 402 6.43 4.64 25.34
C PHE A 402 6.94 3.43 26.11
N VAL A 403 6.48 2.24 25.78
CA VAL A 403 6.90 1.02 26.48
C VAL A 403 6.73 -0.17 25.54
N PRO A 404 7.72 -1.07 25.45
CA PRO A 404 7.62 -2.18 24.48
C PRO A 404 6.46 -3.12 24.74
N ASN A 405 6.02 -3.27 25.99
CA ASN A 405 5.04 -4.30 26.32
C ASN A 405 3.78 -3.69 26.91
N PHE A 406 3.23 -2.69 26.24
CA PHE A 406 2.09 -1.95 26.79
C PHE A 406 0.83 -2.81 26.84
N SER A 407 0.50 -3.49 25.73
CA SER A 407 -0.88 -3.91 25.51
C SER A 407 -1.31 -5.06 26.42
N GLU A 408 -0.39 -5.96 26.79
CA GLU A 408 -0.84 -7.20 27.43
C GLU A 408 -1.39 -6.95 28.83
N ILE A 409 -0.82 -6.00 29.57
CA ILE A 409 -1.28 -5.77 30.93
C ILE A 409 -2.65 -5.09 30.94
N ILE A 410 -2.87 -4.16 30.01
CA ILE A 410 -4.10 -3.38 30.00
C ILE A 410 -5.30 -4.19 29.53
N LYS A 411 -5.06 -5.38 28.96
CA LYS A 411 -6.16 -6.16 28.37
C LYS A 411 -7.26 -6.53 29.37
N PRO A 412 -6.96 -7.03 30.57
CA PRO A 412 -8.05 -7.35 31.50
C PRO A 412 -8.94 -6.15 31.81
N LEU A 413 -8.36 -4.96 31.93
CA LEU A 413 -9.16 -3.77 32.19
C LEU A 413 -10.14 -3.53 31.06
N TYR A 414 -9.69 -3.68 29.81
CA TYR A 414 -10.58 -3.51 28.68
C TYR A 414 -11.66 -4.59 28.65
N SER A 415 -11.30 -5.82 29.01
CA SER A 415 -12.30 -6.89 29.05
C SER A 415 -13.33 -6.62 30.13
N LEU A 416 -12.95 -5.90 31.18
CA LEU A 416 -13.87 -5.66 32.30
C LEU A 416 -15.11 -4.90 31.87
N ILE A 417 -14.96 -3.92 30.98
CA ILE A 417 -16.07 -3.02 30.66
C ILE A 417 -17.21 -3.78 30.01
N SER A 418 -16.91 -4.79 29.20
CA SER A 418 -17.96 -5.57 28.56
C SER A 418 -18.71 -6.43 29.57
N THR A 419 -18.01 -6.89 30.60
CA THR A 419 -18.62 -7.78 31.58
C THR A 419 -19.76 -7.09 32.31
N ALA A 420 -19.49 -5.92 32.88
CA ALA A 420 -20.50 -5.21 33.64
C ALA A 420 -21.47 -4.48 32.71
N GLU A 421 -22.63 -4.13 33.27
CA GLU A 421 -23.65 -3.37 32.58
C GLU A 421 -23.88 -2.05 33.30
N GLY A 422 -24.08 -0.97 32.53
CA GLY A 422 -24.36 0.30 33.16
C GLY A 422 -23.15 0.87 33.88
N ASN A 423 -23.44 1.73 34.86
CA ASN A 423 -22.37 2.46 35.55
C ASN A 423 -21.62 1.56 36.54
N ASN A 424 -22.32 0.71 37.27
CA ASN A 424 -21.67 -0.09 38.30
C ASN A 424 -20.73 -1.12 37.69
N ILE A 425 -19.59 -1.32 38.35
CA ILE A 425 -18.53 -2.19 37.88
C ILE A 425 -18.08 -3.09 39.01
N LYS A 426 -17.88 -4.37 38.72
CA LYS A 426 -17.46 -5.34 39.73
C LYS A 426 -15.93 -5.33 39.78
N TRP A 427 -15.38 -4.74 40.83
CA TRP A 427 -13.94 -4.62 40.98
C TRP A 427 -13.37 -5.81 41.74
N THR A 428 -12.09 -6.08 41.51
CA THR A 428 -11.36 -7.11 42.23
C THR A 428 -9.99 -6.59 42.60
N SER A 429 -9.35 -7.27 43.55
CA SER A 429 -8.02 -6.87 43.99
C SER A 429 -6.98 -7.02 42.88
N GLU A 430 -7.13 -8.05 42.04
CA GLU A 430 -6.17 -8.28 40.97
C GLU A 430 -6.14 -7.11 40.00
N HIS A 431 -7.30 -6.50 39.73
CA HIS A 431 -7.33 -5.32 38.89
C HIS A 431 -6.51 -4.19 39.49
N THR A 432 -6.66 -3.96 40.80
CA THR A 432 -5.86 -2.93 41.46
C THR A 432 -4.37 -3.26 41.35
N ARG A 433 -4.01 -4.53 41.52
CA ARG A 433 -2.63 -4.95 41.34
C ARG A 433 -2.14 -4.59 39.95
N TYR A 434 -2.97 -4.85 38.94
CA TYR A 434 -2.64 -4.47 37.57
C TYR A 434 -2.41 -2.98 37.47
N LEU A 435 -3.24 -2.18 38.13
CA LEU A 435 -3.09 -0.73 38.09
C LEU A 435 -1.74 -0.28 38.65
N GLU A 436 -1.37 -0.84 39.79
CA GLU A 436 -0.11 -0.50 40.43
C GLU A 436 1.05 -0.89 39.52
N GLU A 437 0.92 -2.06 38.89
CA GLU A 437 1.95 -2.54 37.97
C GLU A 437 2.10 -1.61 36.78
N ILE A 438 0.97 -1.16 36.22
CA ILE A 438 1.02 -0.28 35.05
C ILE A 438 1.66 1.05 35.41
N VAL A 439 1.26 1.63 36.55
CA VAL A 439 1.81 2.94 36.90
C VAL A 439 3.30 2.82 37.23
N SER A 440 3.71 1.71 37.83
CA SER A 440 5.14 1.51 38.08
C SER A 440 5.90 1.38 36.77
N ALA A 441 5.36 0.63 35.80
CA ALA A 441 6.02 0.50 34.51
C ALA A 441 6.14 1.86 33.83
N LEU A 442 5.09 2.68 33.92
CA LEU A 442 5.16 4.02 33.37
C LEU A 442 6.21 4.86 34.08
N ASN A 443 6.36 4.66 35.40
CA ASN A 443 7.35 5.42 36.15
C ASN A 443 8.76 5.10 35.71
N HIS A 444 8.97 3.93 35.10
CA HIS A 444 10.27 3.52 34.59
C HIS A 444 10.38 3.69 33.09
N ALA A 445 9.54 4.55 32.50
CA ALA A 445 9.52 4.71 31.05
C ALA A 445 10.83 5.32 30.54
N GLY A 446 11.16 4.99 29.30
CA GLY A 446 12.34 5.54 28.65
C GLY A 446 11.98 6.46 27.50
N ASN A 447 12.89 7.38 27.18
CA ASN A 447 12.63 8.33 26.10
C ASN A 447 12.76 7.65 24.73
N LEU A 448 12.27 8.35 23.71
CA LEU A 448 12.25 7.87 22.34
C LEU A 448 13.19 8.71 21.47
N GLU A 449 13.16 8.46 20.16
CA GLU A 449 14.05 9.13 19.22
C GLU A 449 13.24 9.57 18.00
N GLN A 450 13.93 10.23 17.07
CA GLN A 450 13.32 10.73 15.86
C GLN A 450 13.43 9.73 14.72
N ARG A 451 12.81 10.07 13.60
CA ARG A 451 12.82 9.25 12.41
C ARG A 451 13.54 9.99 11.29
N ASP A 452 14.56 9.36 10.72
CA ASP A 452 15.33 9.98 9.65
C ASP A 452 14.59 9.88 8.33
N ASN A 453 14.88 10.82 7.44
CA ASN A 453 14.34 10.81 6.09
C ASN A 453 15.39 10.43 5.05
N GLU A 454 16.60 10.08 5.47
CA GLU A 454 17.69 9.80 4.54
C GLU A 454 18.22 8.38 4.65
N SER A 455 17.76 7.60 5.64
CA SER A 455 18.26 6.25 5.85
C SER A 455 17.13 5.25 5.85
N PRO A 456 17.37 4.04 5.34
CA PRO A 456 16.31 3.03 5.35
C PRO A 456 15.88 2.68 6.76
N LEU A 457 14.59 2.39 6.90
CA LEU A 457 14.00 2.02 8.18
C LEU A 457 14.09 0.51 8.37
N VAL A 458 14.17 0.09 9.63
CA VAL A 458 14.27 -1.32 9.99
C VAL A 458 13.22 -1.64 11.03
N VAL A 459 12.60 -2.81 10.92
CA VAL A 459 11.61 -3.28 11.87
C VAL A 459 12.01 -4.65 12.38
N LYS A 460 11.92 -4.83 13.69
CA LYS A 460 12.23 -6.11 14.33
C LYS A 460 10.99 -6.60 15.06
N LEU A 461 10.62 -7.85 14.80
CA LEU A 461 9.38 -8.39 15.34
C LEU A 461 9.65 -9.75 15.98
N ASN A 462 8.88 -10.05 17.02
CA ASN A 462 8.94 -11.34 17.69
C ASN A 462 7.54 -11.68 18.20
N ALA A 463 7.32 -12.96 18.48
CA ALA A 463 6.02 -13.41 18.95
C ALA A 463 6.18 -14.29 20.18
N SER A 464 5.27 -14.10 21.13
CA SER A 464 5.10 -14.94 22.29
C SER A 464 3.84 -15.78 22.12
N PRO A 465 3.70 -16.87 22.88
CA PRO A 465 2.48 -17.68 22.75
C PRO A 465 1.20 -16.91 23.04
N LYS A 466 1.30 -15.69 23.58
CA LYS A 466 0.12 -14.89 23.88
C LYS A 466 0.11 -13.53 23.18
N THR A 467 1.27 -12.91 22.98
CA THR A 467 1.33 -11.55 22.47
C THR A 467 2.38 -11.49 21.35
N GLY A 468 2.52 -10.31 20.77
CA GLY A 468 3.54 -10.08 19.76
C GLY A 468 4.13 -8.69 19.92
N TYR A 469 5.43 -8.60 19.67
CA TYR A 469 6.24 -7.43 19.97
C TYR A 469 6.89 -6.89 18.71
N ILE A 470 6.88 -5.56 18.55
CA ILE A 470 7.37 -4.90 17.36
C ILE A 470 8.18 -3.67 17.77
N ARG A 471 9.35 -3.50 17.16
CA ARG A 471 10.20 -2.35 17.41
C ARG A 471 10.72 -1.81 16.09
N TYR A 472 11.06 -0.52 16.10
CA TYR A 472 11.52 0.18 14.92
C TYR A 472 12.91 0.74 15.17
N TYR A 473 13.68 0.92 14.08
CA TYR A 473 15.04 1.44 14.19
C TYR A 473 15.42 2.11 12.89
N ASN A 474 16.45 2.96 12.98
CA ASN A 474 17.18 3.46 11.81
C ASN A 474 18.44 2.64 11.61
N LYS A 475 18.96 2.67 10.38
CA LYS A 475 20.19 1.97 10.08
C LYS A 475 21.34 2.60 10.86
N GLY A 476 22.09 1.77 11.58
CA GLY A 476 23.18 2.25 12.40
C GLY A 476 22.78 2.73 13.78
N GLY A 477 21.48 2.77 14.09
CA GLY A 477 21.04 3.19 15.40
C GLY A 477 20.75 2.02 16.33
N GLN A 478 20.59 2.36 17.61
CA GLN A 478 20.28 1.38 18.66
C GLN A 478 19.06 1.68 19.57
N LYS A 479 18.55 2.92 19.58
CA LYS A 479 17.43 3.27 20.42
C LYS A 479 16.17 3.38 19.58
N PRO A 480 15.12 2.62 19.88
CA PRO A 480 13.97 2.55 18.97
C PRO A 480 13.21 3.86 18.87
N ILE A 481 12.56 4.05 17.73
CA ILE A 481 11.69 5.21 17.54
C ILE A 481 10.41 5.06 18.35
N ALA A 482 9.76 3.91 18.23
CA ALA A 482 8.51 3.66 18.92
C ALA A 482 8.32 2.17 19.08
N TYR A 483 7.44 1.81 20.01
CA TYR A 483 7.14 0.41 20.32
C TYR A 483 5.73 0.07 19.83
N ALA A 484 5.51 -1.22 19.58
CA ALA A 484 4.19 -1.69 19.22
C ALA A 484 4.00 -3.10 19.77
N SER A 485 2.76 -3.41 20.13
CA SER A 485 2.44 -4.72 20.68
C SER A 485 1.04 -5.11 20.27
N HIS A 486 0.84 -6.39 20.03
CA HIS A 486 -0.44 -6.91 19.57
C HIS A 486 -0.85 -8.08 20.45
N VAL A 487 -2.14 -8.13 20.79
CA VAL A 487 -2.70 -9.20 21.60
C VAL A 487 -3.50 -10.13 20.69
N PHE A 488 -3.32 -11.43 20.87
CA PHE A 488 -3.96 -12.41 20.00
C PHE A 488 -5.37 -12.72 20.48
N THR A 489 -6.32 -12.73 19.57
CA THR A 489 -7.73 -12.96 19.91
C THR A 489 -7.98 -14.47 20.01
N ASN A 490 -9.24 -14.84 20.25
CA ASN A 490 -9.59 -16.25 20.39
C ASN A 490 -9.38 -17.01 19.10
N THR A 491 -9.80 -16.42 17.97
CA THR A 491 -9.63 -17.10 16.69
C THR A 491 -8.16 -17.28 16.36
N GLU A 492 -7.34 -16.25 16.59
CA GLU A 492 -5.91 -16.35 16.34
C GLU A 492 -5.21 -17.29 17.31
N LEU A 493 -5.87 -17.71 18.39
CA LEU A 493 -5.26 -18.64 19.32
C LEU A 493 -5.00 -19.99 18.67
N LYS A 494 -5.92 -20.45 17.82
CA LYS A 494 -5.76 -21.74 17.16
C LYS A 494 -4.67 -21.75 16.10
N PHE A 495 -4.12 -20.59 15.75
CA PHE A 495 -3.12 -20.52 14.70
C PHE A 495 -1.83 -21.23 15.12
N THR A 496 -1.13 -21.78 14.13
CA THR A 496 0.19 -22.33 14.35
C THR A 496 1.20 -21.18 14.52
N PRO A 497 2.37 -21.46 15.10
CA PRO A 497 3.34 -20.37 15.36
C PRO A 497 3.71 -19.59 14.10
N LEU A 498 3.82 -20.25 12.95
CA LEU A 498 4.10 -19.54 11.71
C LEU A 498 2.98 -18.56 11.40
N GLU A 499 1.74 -18.96 11.61
CA GLU A 499 0.62 -18.06 11.37
C GLU A 499 0.67 -16.86 12.30
N LYS A 500 1.06 -17.08 13.56
CA LYS A 500 1.16 -15.97 14.50
C LYS A 500 2.25 -15.00 14.08
N LEU A 501 3.43 -15.52 13.72
CA LEU A 501 4.50 -14.65 13.25
C LEU A 501 4.07 -13.87 12.02
N LEU A 502 3.35 -14.52 11.11
CA LEU A 502 2.96 -13.87 9.87
C LEU A 502 1.90 -12.79 10.11
N VAL A 503 0.95 -13.05 11.01
CA VAL A 503 -0.06 -12.03 11.30
C VAL A 503 0.58 -10.85 12.01
N THR A 504 1.57 -11.10 12.87
CA THR A 504 2.32 -10.00 13.47
C THR A 504 3.08 -9.21 12.40
N MET A 505 3.66 -9.93 11.44
CA MET A 505 4.33 -9.31 10.31
C MET A 505 3.41 -8.32 9.61
N HIS A 506 2.19 -8.76 9.29
CA HIS A 506 1.23 -7.89 8.62
C HIS A 506 0.84 -6.71 9.50
N LYS A 507 0.54 -6.98 10.77
CA LYS A 507 0.06 -5.93 11.66
C LYS A 507 1.15 -4.92 12.01
N ALA A 508 2.41 -5.24 11.75
CA ALA A 508 3.48 -4.26 11.92
C ALA A 508 3.72 -3.48 10.63
N LEU A 509 3.82 -4.19 9.49
CA LEU A 509 4.03 -3.46 8.24
C LEU A 509 2.84 -2.63 7.83
N ILE A 510 1.66 -2.86 8.39
CA ILE A 510 0.51 -2.02 8.05
C ILE A 510 0.80 -0.56 8.36
N LYS A 511 1.50 -0.29 9.46
CA LYS A 511 1.96 1.05 9.77
C LYS A 511 3.38 1.32 9.33
N ALA A 512 4.20 0.27 9.16
CA ALA A 512 5.54 0.47 8.66
C ALA A 512 5.53 1.06 7.25
N ILE A 513 4.59 0.63 6.42
CA ILE A 513 4.52 1.15 5.05
C ILE A 513 4.18 2.64 5.08
N ASP A 514 3.35 3.06 6.04
CA ASP A 514 3.09 4.49 6.21
C ASP A 514 4.34 5.21 6.68
N LEU A 515 5.05 4.63 7.65
CA LEU A 515 6.23 5.28 8.22
C LEU A 515 7.42 5.28 7.26
N ALA A 516 7.36 4.50 6.19
CA ALA A 516 8.53 4.35 5.31
C ALA A 516 8.90 5.67 4.66
N LEU A 517 7.92 6.45 4.22
CA LEU A 517 8.14 7.70 3.53
C LEU A 517 9.02 7.49 2.29
N GLY A 518 8.67 6.47 1.53
CA GLY A 518 9.35 6.18 0.28
C GLY A 518 10.70 5.51 0.42
N GLN A 519 11.08 5.12 1.61
CA GLN A 519 12.40 4.51 1.69
C GLN A 519 12.29 2.99 1.68
N PRO A 520 13.34 2.30 1.23
CA PRO A 520 13.33 0.84 1.29
C PRO A 520 13.24 0.34 2.72
N ILE A 521 12.62 -0.81 2.90
CA ILE A 521 12.35 -1.37 4.21
C ILE A 521 13.03 -2.72 4.33
N GLU A 522 13.82 -2.89 5.39
CA GLU A 522 14.46 -4.16 5.70
C GLU A 522 13.86 -4.73 6.97
N VAL A 523 13.59 -6.03 6.96
CA VAL A 523 12.89 -6.71 8.05
C VAL A 523 13.80 -7.79 8.61
N TYR A 524 13.92 -7.84 9.93
CA TYR A 524 14.62 -8.90 10.63
C TYR A 524 13.60 -9.74 11.38
N SER A 525 13.56 -11.02 11.08
CA SER A 525 12.58 -11.93 11.65
C SER A 525 13.24 -13.26 11.96
N PRO A 526 12.68 -14.04 12.88
CA PRO A 526 13.21 -15.38 13.16
C PRO A 526 12.90 -16.43 12.10
N ILE A 527 12.29 -16.05 10.98
CA ILE A 527 11.94 -17.01 9.94
C ILE A 527 13.14 -17.20 9.03
N ILE A 528 13.45 -18.47 8.74
CA ILE A 528 14.64 -18.79 7.96
C ILE A 528 14.49 -18.31 6.52
N SER A 529 13.33 -18.53 5.91
CA SER A 529 13.17 -18.22 4.49
C SER A 529 11.70 -18.00 4.17
N MET A 530 11.45 -17.42 3.00
CA MET A 530 10.11 -17.11 2.53
C MET A 530 9.71 -17.89 1.30
N GLN A 531 10.67 -18.33 0.48
CA GLN A 531 10.33 -19.17 -0.67
C GLN A 531 9.72 -20.48 -0.21
N LYS A 532 10.29 -21.07 0.85
CA LYS A 532 9.67 -22.23 1.46
C LYS A 532 8.28 -21.90 2.01
N LEU A 533 8.10 -20.67 2.50
CA LEU A 533 6.78 -20.24 2.97
C LEU A 533 5.78 -20.28 1.82
N GLN A 534 6.19 -19.83 0.63
CA GLN A 534 5.34 -20.00 -0.54
C GLN A 534 5.13 -21.48 -0.86
N LYS A 535 6.18 -22.29 -0.67
CA LYS A 535 6.10 -23.72 -0.92
C LYS A 535 5.25 -24.46 0.11
N THR A 536 4.85 -23.80 1.18
CA THR A 536 4.12 -24.46 2.26
C THR A 536 2.84 -25.10 1.72
N PRO A 537 2.64 -26.40 1.94
CA PRO A 537 1.45 -27.06 1.41
C PRO A 537 0.20 -26.65 2.17
N LEU A 538 -0.94 -26.90 1.55
CA LEU A 538 -2.25 -26.59 2.11
C LEU A 538 -2.70 -27.52 3.25
N PRO A 539 -2.38 -28.81 3.27
CA PRO A 539 -2.92 -29.67 4.35
C PRO A 539 -2.47 -29.27 5.74
N GLU A 540 -1.37 -28.52 5.88
CA GLU A 540 -0.87 -28.17 7.20
C GLU A 540 -1.54 -26.92 7.76
N ARG A 541 -1.85 -25.94 6.93
CA ARG A 541 -2.41 -24.68 7.41
C ARG A 541 -3.86 -24.85 7.83
N LYS A 542 -4.31 -23.95 8.69
CA LYS A 542 -5.69 -23.95 9.17
C LYS A 542 -6.41 -22.62 8.97
N ALA A 543 -5.69 -21.51 8.87
CA ALA A 543 -6.31 -20.20 8.74
C ALA A 543 -6.99 -20.06 7.37
N LEU A 544 -7.80 -19.03 7.25
CA LEU A 544 -8.52 -18.78 6.00
C LEU A 544 -7.56 -18.40 4.88
N SER A 545 -7.88 -18.84 3.67
CA SER A 545 -7.05 -18.50 2.52
C SER A 545 -7.10 -17.01 2.21
N THR A 546 -8.17 -16.33 2.63
CA THR A 546 -8.26 -14.89 2.43
C THR A 546 -7.15 -14.15 3.20
N ARG A 547 -6.84 -14.60 4.40
CA ARG A 547 -5.69 -14.05 5.10
C ARG A 547 -4.40 -14.46 4.42
N TRP A 548 -4.35 -15.68 3.88
CA TRP A 548 -3.12 -16.18 3.28
C TRP A 548 -2.73 -15.37 2.04
N ILE A 549 -3.70 -15.03 1.19
CA ILE A 549 -3.37 -14.27 -0.01
C ILE A 549 -2.90 -12.86 0.36
N THR A 550 -3.56 -12.24 1.34
CA THR A 550 -3.12 -10.93 1.81
C THR A 550 -1.69 -11.00 2.35
N TRP A 551 -1.39 -12.06 3.10
CA TRP A 551 -0.04 -12.23 3.63
C TRP A 551 0.97 -12.39 2.51
N LEU A 552 0.64 -13.22 1.51
CA LEU A 552 1.55 -13.46 0.40
C LEU A 552 1.73 -12.23 -0.47
N SER A 553 0.79 -11.28 -0.42
CA SER A 553 0.89 -10.09 -1.25
C SER A 553 2.20 -9.33 -1.03
N TYR A 554 2.77 -9.42 0.18
CA TYR A 554 3.96 -8.63 0.49
C TYR A 554 5.22 -9.20 -0.13
N LEU A 555 5.18 -10.40 -0.69
CA LEU A 555 6.38 -11.03 -1.21
C LEU A 555 6.94 -10.28 -2.41
N GLU A 556 6.06 -9.77 -3.27
CA GLU A 556 6.47 -9.19 -4.55
C GLU A 556 6.64 -7.67 -4.49
N ASP A 557 6.56 -7.08 -3.31
CA ASP A 557 6.76 -5.64 -3.20
C ASP A 557 8.24 -5.32 -3.42
N PRO A 558 8.59 -4.51 -4.43
CA PRO A 558 10.01 -4.24 -4.68
C PRO A 558 10.68 -3.42 -3.59
N ARG A 559 9.92 -2.74 -2.74
CA ARG A 559 10.50 -1.81 -1.78
C ARG A 559 10.89 -2.46 -0.46
N ILE A 560 10.61 -3.74 -0.26
CA ILE A 560 10.88 -4.39 1.01
C ILE A 560 11.70 -5.64 0.77
N THR A 561 12.44 -6.04 1.80
CA THR A 561 13.26 -7.25 1.77
C THR A 561 13.07 -8.00 3.09
N PHE A 562 13.87 -9.06 3.27
CA PHE A 562 13.81 -9.85 4.49
C PHE A 562 15.20 -10.31 4.87
N TYR A 563 15.37 -10.62 6.16
CA TYR A 563 16.63 -11.14 6.67
C TYR A 563 16.33 -12.05 7.84
N TYR A 564 17.13 -13.10 8.00
CA TYR A 564 16.96 -14.07 9.07
C TYR A 564 18.08 -13.93 10.08
N ASP A 565 17.72 -13.82 11.35
CA ASP A 565 18.69 -13.76 12.43
C ASP A 565 18.13 -14.51 13.63
N LYS A 566 18.96 -15.34 14.26
CA LYS A 566 18.56 -16.12 15.43
C LYS A 566 19.05 -15.39 16.67
N THR A 567 18.18 -14.55 17.23
CA THR A 567 18.52 -13.76 18.40
C THR A 567 17.30 -13.62 19.30
N LEU A 568 17.52 -13.82 20.60
CA LEU A 568 16.50 -13.64 21.62
C LEU A 568 15.28 -14.51 21.35
N PRO A 569 15.38 -15.82 21.50
CA PRO A 569 14.22 -16.69 21.30
C PRO A 569 13.39 -16.84 22.57
N ASP A 570 12.13 -17.18 22.38
CA ASP A 570 11.22 -17.42 23.49
C ASP A 570 10.11 -18.34 23.03
N LEU A 571 9.40 -18.92 24.00
CA LEU A 571 8.30 -19.82 23.71
C LEU A 571 7.38 -19.94 24.92
N LEU B 97 5.12 34.48 -20.79
CA LEU B 97 5.28 33.03 -20.67
C LEU B 97 6.72 32.67 -20.31
N GLU B 98 6.96 32.44 -19.03
CA GLU B 98 8.29 32.10 -18.53
C GLU B 98 8.23 30.80 -17.75
N LEU B 99 9.04 29.83 -18.17
CA LEU B 99 9.16 28.56 -17.46
C LEU B 99 10.31 28.64 -16.45
N THR B 100 10.71 27.49 -15.93
CA THR B 100 11.82 27.42 -14.98
C THR B 100 13.09 26.81 -15.59
N VAL B 101 12.96 25.78 -16.42
CA VAL B 101 14.10 25.13 -17.04
C VAL B 101 13.77 24.87 -18.51
N LYS B 102 14.77 25.09 -19.38
CA LYS B 102 14.61 24.92 -20.82
C LYS B 102 15.47 23.75 -21.28
N LEU B 103 14.84 22.81 -21.98
CA LEU B 103 15.52 21.61 -22.45
C LEU B 103 16.34 21.90 -23.69
N PRO B 104 17.40 21.12 -23.93
CA PRO B 104 18.22 21.28 -25.16
C PRO B 104 17.56 20.69 -26.39
N VAL B 105 16.56 21.42 -26.91
CA VAL B 105 15.76 20.92 -28.02
C VAL B 105 16.61 20.77 -29.29
N GLN B 106 17.59 21.65 -29.50
CA GLN B 106 18.44 21.54 -30.67
C GLN B 106 19.23 20.24 -30.66
N ASP B 107 19.74 19.85 -29.49
CA ASP B 107 20.48 18.60 -29.39
C ASP B 107 19.57 17.41 -29.68
N PHE B 108 18.33 17.43 -29.18
CA PHE B 108 17.40 16.36 -29.48
C PHE B 108 17.08 16.30 -30.97
N LYS B 109 16.94 17.47 -31.60
CA LYS B 109 16.71 17.50 -33.04
C LYS B 109 17.88 16.88 -33.80
N LYS B 110 19.11 17.22 -33.39
CA LYS B 110 20.28 16.63 -34.03
C LYS B 110 20.31 15.13 -33.83
N GLU B 111 19.99 14.67 -32.62
CA GLU B 111 19.96 13.23 -32.34
C GLU B 111 18.94 12.53 -33.21
N LEU B 112 17.74 13.12 -33.35
CA LEU B 112 16.73 12.53 -34.23
C LEU B 112 17.20 12.49 -35.67
N ILE B 113 17.87 13.55 -36.13
CA ILE B 113 18.37 13.59 -37.49
C ILE B 113 19.37 12.46 -37.72
N ASN B 114 20.29 12.27 -36.79
CA ASN B 114 21.30 11.23 -36.97
C ASN B 114 20.73 9.84 -36.72
N LYS B 115 19.77 9.72 -35.79
CA LYS B 115 19.21 8.41 -35.48
C LYS B 115 18.34 7.87 -36.60
N ALA B 116 17.76 8.74 -37.42
CA ALA B 116 16.94 8.32 -38.55
C ALA B 116 17.85 7.95 -39.71
N ASN B 117 17.75 6.69 -40.17
CA ASN B 117 18.63 6.19 -41.22
C ASN B 117 17.97 6.40 -42.58
N ILE B 118 18.15 7.62 -43.11
CA ILE B 118 17.65 8.02 -44.41
C ILE B 118 18.80 8.58 -45.22
N ASN B 119 18.50 8.94 -46.46
CA ASN B 119 19.52 9.51 -47.34
C ASN B 119 19.95 10.89 -46.82
N ASN B 120 21.18 11.27 -47.17
CA ASN B 120 21.72 12.53 -46.66
C ASN B 120 20.91 13.73 -47.14
N GLU B 121 20.54 13.75 -48.42
CA GLU B 121 19.66 14.82 -48.89
C GLU B 121 18.27 14.67 -48.28
N GLU B 122 17.82 13.43 -48.09
CA GLU B 122 16.57 13.21 -47.37
C GLU B 122 16.68 13.76 -45.97
N LYS B 123 17.82 13.53 -45.31
CA LYS B 123 18.03 14.06 -43.96
C LYS B 123 17.99 15.59 -43.96
N LYS B 124 18.63 16.23 -44.95
CA LYS B 124 18.69 17.68 -44.94
C LYS B 124 17.32 18.31 -45.21
N GLN B 125 16.55 17.76 -46.16
CA GLN B 125 15.24 18.33 -46.40
C GLN B 125 14.30 18.03 -45.24
N LEU B 126 14.43 16.87 -44.60
CA LEU B 126 13.64 16.60 -43.40
C LEU B 126 13.98 17.57 -42.29
N ALA B 127 15.28 17.87 -42.12
CA ALA B 127 15.67 18.84 -41.11
C ALA B 127 15.08 20.21 -41.41
N LYS B 128 15.08 20.61 -42.68
CA LYS B 128 14.46 21.89 -43.04
C LYS B 128 12.97 21.88 -42.74
N LEU B 129 12.29 20.77 -43.03
CA LEU B 129 10.87 20.67 -42.75
C LEU B 129 10.60 20.80 -41.26
N LEU B 130 11.40 20.12 -40.44
CA LEU B 130 11.25 20.24 -38.99
C LEU B 130 11.52 21.67 -38.53
N ASP B 131 12.54 22.31 -39.10
CA ASP B 131 12.91 23.66 -38.69
C ASP B 131 11.82 24.66 -39.03
N LYS B 132 11.12 24.47 -40.15
CA LYS B 132 10.10 25.43 -40.56
C LYS B 132 8.90 25.44 -39.62
N TYR B 133 8.79 24.47 -38.72
CA TYR B 133 7.70 24.38 -37.75
C TYR B 133 8.22 24.55 -36.32
N ASP B 134 9.08 25.55 -36.12
CA ASP B 134 9.87 25.65 -34.90
C ASP B 134 9.02 25.74 -33.63
N VAL B 135 7.81 26.30 -33.74
CA VAL B 135 6.99 26.52 -32.55
C VAL B 135 6.30 25.23 -32.12
N LEU B 136 6.62 24.13 -32.79
CA LEU B 136 5.92 22.88 -32.54
C LEU B 136 6.18 22.35 -31.13
N TRP B 137 7.43 22.40 -30.68
CA TRP B 137 7.86 21.64 -29.52
C TRP B 137 7.84 22.49 -28.24
N GLN B 138 7.63 21.81 -27.12
CA GLN B 138 7.65 22.44 -25.81
C GLN B 138 9.09 22.45 -25.30
N GLN B 139 9.82 23.51 -25.64
CA GLN B 139 11.18 23.67 -25.11
C GLN B 139 11.18 24.03 -23.64
N TRP B 140 10.00 24.23 -23.04
CA TRP B 140 9.87 24.53 -21.63
C TRP B 140 9.33 23.31 -20.90
N GLU B 141 9.93 22.98 -19.76
CA GLU B 141 9.48 21.85 -18.98
C GLU B 141 8.08 22.08 -18.43
N ASN B 142 7.26 21.04 -18.47
CA ASN B 142 5.87 21.09 -18.01
C ASN B 142 5.07 22.14 -18.77
N GLN B 143 5.39 22.35 -20.04
CA GLN B 143 4.61 23.25 -20.87
C GLN B 143 3.32 22.57 -21.27
N VAL B 144 2.20 23.27 -21.10
CA VAL B 144 0.88 22.69 -21.31
C VAL B 144 0.23 23.34 -22.52
N GLY B 145 -0.51 22.53 -23.27
CA GLY B 145 -1.25 23.01 -24.43
C GLY B 145 -2.63 23.49 -24.07
N HIS B 146 -3.47 23.62 -25.09
CA HIS B 146 -4.83 24.12 -24.89
C HIS B 146 -5.73 23.60 -26.00
N ARG B 147 -6.98 23.36 -25.65
CA ARG B 147 -8.01 22.95 -26.60
C ARG B 147 -9.20 23.87 -26.48
N LYS B 148 -9.88 24.10 -27.61
CA LYS B 148 -11.03 24.99 -27.66
C LYS B 148 -12.35 24.23 -27.75
N ILE B 149 -12.32 22.91 -27.57
CA ILE B 149 -13.54 22.10 -27.55
C ILE B 149 -14.34 22.46 -26.31
N PRO B 150 -15.66 22.28 -26.31
CA PRO B 150 -16.45 22.59 -25.12
C PRO B 150 -15.99 21.76 -23.93
N PRO B 151 -16.01 22.33 -22.73
CA PRO B 151 -15.55 21.59 -21.55
C PRO B 151 -16.43 20.38 -21.28
N HIS B 152 -15.81 19.34 -20.73
CA HIS B 152 -16.50 18.08 -20.46
C HIS B 152 -16.99 18.05 -19.02
N ASN B 153 -18.00 17.23 -18.79
CA ASN B 153 -18.53 16.98 -17.45
C ASN B 153 -18.05 15.62 -16.99
N ILE B 154 -17.48 15.56 -15.79
CA ILE B 154 -16.97 14.33 -15.21
C ILE B 154 -17.55 14.04 -13.84
N ALA B 155 -18.37 14.94 -13.30
CA ALA B 155 -19.02 14.72 -12.01
C ALA B 155 -20.39 14.06 -12.18
N THR B 156 -20.41 12.95 -12.91
CA THR B 156 -21.65 12.23 -13.15
C THR B 156 -22.05 11.33 -11.98
N GLY B 157 -21.21 11.23 -10.96
CA GLY B 157 -21.57 10.41 -9.81
C GLY B 157 -22.79 10.93 -9.10
N THR B 158 -23.58 10.00 -8.55
CA THR B 158 -24.83 10.34 -7.91
C THR B 158 -24.77 10.32 -6.39
N VAL B 159 -23.83 9.58 -5.80
CA VAL B 159 -23.68 9.49 -4.36
C VAL B 159 -22.43 10.26 -3.96
N ALA B 160 -22.56 11.10 -2.94
CA ALA B 160 -21.43 11.89 -2.48
C ALA B 160 -20.40 10.99 -1.82
N PRO B 161 -19.14 11.04 -2.25
CA PRO B 161 -18.10 10.23 -1.60
C PRO B 161 -17.45 10.96 -0.44
N ARG B 162 -16.94 10.17 0.49
CA ARG B 162 -16.32 10.72 1.69
C ARG B 162 -14.90 11.18 1.40
N PRO B 163 -14.41 12.18 2.14
CA PRO B 163 -13.01 12.59 2.00
C PRO B 163 -12.07 11.55 2.60
N GLN B 164 -10.79 11.72 2.31
CA GLN B 164 -9.75 10.81 2.79
C GLN B 164 -8.67 11.60 3.50
N ARG B 165 -7.96 10.91 4.40
CA ARG B 165 -6.93 11.54 5.20
C ARG B 165 -5.63 11.67 4.40
N GLN B 166 -4.70 12.45 4.95
CA GLN B 166 -3.41 12.69 4.34
C GLN B 166 -2.32 12.52 5.39
N TYR B 167 -1.15 12.08 4.93
CA TYR B 167 -0.01 11.90 5.81
C TYR B 167 1.14 12.80 5.34
N HIS B 168 2.18 12.86 6.17
CA HIS B 168 3.28 13.78 5.95
C HIS B 168 4.10 13.37 4.73
N ILE B 169 4.85 14.34 4.20
CA ILE B 169 5.59 14.16 2.96
C ILE B 169 7.06 14.46 3.22
N ASN B 170 7.93 13.75 2.51
CA ASN B 170 9.37 13.85 2.75
C ASN B 170 9.87 15.26 2.52
N THR B 171 10.76 15.72 3.39
CA THR B 171 11.37 17.02 3.23
C THR B 171 12.23 17.08 1.97
N LYS B 172 12.96 16.00 1.69
CA LYS B 172 13.86 15.99 0.53
C LYS B 172 13.10 16.19 -0.77
N ALA B 173 11.87 15.66 -0.88
CA ALA B 173 11.13 15.76 -2.13
C ALA B 173 10.48 17.13 -2.28
N LYS B 174 10.43 17.91 -1.21
CA LYS B 174 9.68 19.17 -1.24
C LYS B 174 10.19 20.19 -2.26
N PRO B 175 11.49 20.46 -2.40
CA PRO B 175 11.89 21.59 -3.26
C PRO B 175 11.48 21.46 -4.72
N SER B 176 11.86 20.36 -5.38
CA SER B 176 11.57 20.22 -6.80
C SER B 176 10.06 20.15 -7.05
N ILE B 177 9.34 19.40 -6.23
CA ILE B 177 7.90 19.27 -6.42
C ILE B 177 7.21 20.60 -6.18
N GLN B 178 7.72 21.43 -5.27
CA GLN B 178 7.14 22.75 -5.06
C GLN B 178 7.36 23.64 -6.28
N GLN B 179 8.53 23.56 -6.91
CA GLN B 179 8.74 24.29 -8.14
C GLN B 179 7.78 23.83 -9.23
N VAL B 180 7.56 22.51 -9.32
CA VAL B 180 6.64 21.98 -10.32
C VAL B 180 5.24 22.51 -10.09
N ILE B 181 4.77 22.45 -8.84
CA ILE B 181 3.41 22.89 -8.55
C ILE B 181 3.28 24.39 -8.76
N ASP B 182 4.33 25.15 -8.45
CA ASP B 182 4.30 26.59 -8.69
C ASP B 182 4.19 26.90 -10.17
N ASP B 183 4.95 26.19 -11.00
CA ASP B 183 4.84 26.39 -12.44
C ASP B 183 3.45 26.01 -12.94
N LEU B 184 2.88 24.93 -12.43
CA LEU B 184 1.54 24.52 -12.85
C LEU B 184 0.51 25.57 -12.46
N LEU B 185 0.64 26.15 -11.26
CA LEU B 185 -0.22 27.27 -10.90
C LEU B 185 -0.03 28.45 -11.83
N LYS B 186 1.23 28.75 -12.19
CA LYS B 186 1.49 29.86 -13.09
C LYS B 186 0.84 29.65 -14.44
N GLN B 187 0.78 28.40 -14.90
CA GLN B 187 0.10 28.10 -16.15
C GLN B 187 -1.41 28.30 -16.06
N GLY B 188 -1.96 28.49 -14.87
CA GLY B 188 -3.37 28.73 -14.69
C GLY B 188 -4.23 27.49 -14.66
N VAL B 189 -3.67 26.32 -14.93
CA VAL B 189 -4.45 25.09 -14.88
C VAL B 189 -4.85 24.77 -13.44
N LEU B 190 -3.97 25.04 -12.48
CA LEU B 190 -4.27 24.84 -11.07
C LEU B 190 -4.65 26.17 -10.43
N ILE B 191 -5.62 26.12 -9.51
CA ILE B 191 -6.04 27.29 -8.76
C ILE B 191 -6.13 26.93 -7.28
N LYS B 192 -6.13 27.95 -6.45
CA LYS B 192 -6.26 27.79 -5.00
C LYS B 192 -7.72 28.06 -4.63
N GLN B 193 -8.46 27.00 -4.32
CA GLN B 193 -9.87 27.12 -3.98
C GLN B 193 -10.21 26.10 -2.91
N THR B 194 -11.25 26.39 -2.13
CA THR B 194 -11.65 25.57 -1.01
C THR B 194 -12.81 24.67 -1.43
N SER B 195 -12.65 23.37 -1.22
CA SER B 195 -13.66 22.39 -1.61
C SER B 195 -13.83 21.35 -0.51
N VAL B 196 -14.93 20.60 -0.60
CA VAL B 196 -15.23 19.57 0.39
C VAL B 196 -14.26 18.39 0.26
N MET B 197 -13.90 18.03 -0.96
CA MET B 197 -13.14 16.81 -1.21
C MET B 197 -11.64 17.06 -1.18
N ASN B 198 -10.92 16.09 -0.60
CA ASN B 198 -9.47 16.07 -0.63
C ASN B 198 -9.02 14.71 -1.15
N THR B 199 -7.88 14.70 -1.83
CA THR B 199 -7.39 13.49 -2.44
C THR B 199 -5.97 13.20 -1.95
N PRO B 200 -5.70 11.99 -1.45
CA PRO B 200 -4.34 11.68 -0.99
C PRO B 200 -3.31 11.81 -2.10
N ILE B 201 -2.17 12.39 -1.75
CA ILE B 201 -1.05 12.57 -2.66
C ILE B 201 0.20 12.09 -1.95
N TYR B 202 1.19 11.62 -2.71
CA TYR B 202 2.47 11.27 -2.12
C TYR B 202 3.51 11.17 -3.23
N PRO B 203 4.79 11.36 -2.89
CA PRO B 203 5.84 11.30 -3.90
C PRO B 203 6.47 9.92 -4.01
N VAL B 204 7.16 9.73 -5.13
CA VAL B 204 7.94 8.51 -5.38
C VAL B 204 9.26 8.96 -5.99
N PRO B 205 10.39 8.33 -5.65
CA PRO B 205 11.67 8.78 -6.20
C PRO B 205 11.87 8.33 -7.64
N LYS B 206 12.41 9.24 -8.44
CA LYS B 206 12.79 8.95 -9.82
C LYS B 206 14.18 8.31 -9.81
N PRO B 207 14.69 7.87 -10.98
CA PRO B 207 16.05 7.33 -11.01
C PRO B 207 17.10 8.30 -10.48
N ASP B 208 16.94 9.59 -10.75
CA ASP B 208 17.82 10.61 -10.20
C ASP B 208 17.28 11.05 -8.84
N GLY B 209 17.82 12.14 -8.30
CA GLY B 209 17.34 12.64 -7.03
C GLY B 209 15.99 13.31 -7.09
N LYS B 210 15.47 13.56 -8.29
CA LYS B 210 14.17 14.19 -8.43
C LYS B 210 13.07 13.22 -7.99
N TRP B 211 11.90 13.80 -7.67
CA TRP B 211 10.75 13.05 -7.21
C TRP B 211 9.55 13.35 -8.10
N ARG B 212 8.63 12.40 -8.16
CA ARG B 212 7.41 12.56 -8.93
C ARG B 212 6.21 12.36 -8.02
N MET B 213 5.29 13.33 -8.03
CA MET B 213 4.08 13.24 -7.23
C MET B 213 3.08 12.30 -7.91
N VAL B 214 2.32 11.57 -7.09
CA VAL B 214 1.21 10.78 -7.59
C VAL B 214 0.02 11.00 -6.68
N LEU B 215 -1.17 10.79 -7.25
CA LEU B 215 -2.44 11.04 -6.59
C LEU B 215 -3.23 9.75 -6.56
N ASP B 216 -3.75 9.39 -5.39
CA ASP B 216 -4.53 8.17 -5.25
C ASP B 216 -5.99 8.54 -5.42
N TYR B 217 -6.57 8.17 -6.57
CA TYR B 217 -7.95 8.48 -6.89
C TYR B 217 -8.87 7.26 -6.78
N ARG B 218 -8.49 6.27 -5.98
CA ARG B 218 -9.32 5.07 -5.84
C ARG B 218 -10.69 5.41 -5.28
N ALA B 219 -10.73 6.24 -4.23
CA ALA B 219 -12.00 6.63 -3.64
C ALA B 219 -12.89 7.34 -4.65
N VAL B 220 -12.33 8.28 -5.40
CA VAL B 220 -13.10 8.99 -6.42
C VAL B 220 -13.56 8.02 -7.51
N ASN B 221 -12.63 7.22 -8.03
CA ASN B 221 -12.95 6.31 -9.12
C ASN B 221 -13.96 5.25 -8.70
N LYS B 222 -14.13 5.02 -7.40
CA LYS B 222 -15.06 3.99 -6.95
C LYS B 222 -16.49 4.31 -7.35
N THR B 223 -16.89 5.58 -7.27
CA THR B 223 -18.29 5.97 -7.44
C THR B 223 -18.51 6.94 -8.60
N VAL B 224 -17.91 6.67 -9.75
CA VAL B 224 -18.14 7.44 -10.96
C VAL B 224 -18.48 6.48 -12.09
N PRO B 225 -19.72 6.44 -12.58
CA PRO B 225 -20.07 5.52 -13.65
C PRO B 225 -19.36 5.89 -14.95
N LEU B 226 -19.08 4.86 -15.74
CA LEU B 226 -18.38 5.01 -17.01
C LEU B 226 -19.37 4.90 -18.17
N ILE B 227 -18.85 4.92 -19.39
CA ILE B 227 -19.66 4.81 -20.59
C ILE B 227 -18.84 4.22 -21.73
N ARG B 243 0.58 -1.51 -41.87
CA ARG B 243 1.91 -2.07 -41.62
C ARG B 243 2.79 -1.97 -42.87
N GLN B 244 3.70 -1.00 -42.88
CA GLN B 244 4.59 -0.77 -44.00
C GLN B 244 6.04 -0.84 -43.51
N LYS B 245 6.98 -0.71 -44.45
CA LYS B 245 8.39 -0.82 -44.10
C LYS B 245 8.89 0.42 -43.38
N TYR B 246 8.51 1.60 -43.85
CA TYR B 246 8.89 2.86 -43.20
C TYR B 246 7.93 3.15 -42.05
N LYS B 247 8.49 3.43 -40.88
CA LYS B 247 7.68 3.66 -39.69
C LYS B 247 8.05 4.99 -39.05
N SER B 248 7.06 5.62 -38.41
CA SER B 248 7.27 6.86 -37.68
C SER B 248 6.32 6.91 -36.50
N THR B 249 6.79 7.42 -35.36
CA THR B 249 5.99 7.47 -34.14
C THR B 249 6.10 8.86 -33.52
N ILE B 250 4.95 9.45 -33.20
CA ILE B 250 4.91 10.71 -32.47
C ILE B 250 4.04 10.50 -31.24
N ASP B 251 4.29 11.31 -30.20
CA ASP B 251 3.59 11.17 -28.94
C ASP B 251 3.13 12.53 -28.43
N LEU B 252 2.17 12.51 -27.53
CA LEU B 252 1.63 13.71 -26.94
C LEU B 252 2.12 13.86 -25.50
N SER B 253 2.64 15.04 -25.17
CA SER B 253 3.20 15.32 -23.86
C SER B 253 2.11 15.89 -22.97
N ASN B 254 1.68 15.10 -21.99
CA ASN B 254 0.65 15.50 -21.04
C ASN B 254 -0.61 15.97 -21.75
N GLY B 255 -1.05 15.17 -22.73
CA GLY B 255 -2.28 15.50 -23.44
C GLY B 255 -3.48 15.54 -22.53
N PHE B 256 -3.43 14.82 -21.41
CA PHE B 256 -4.54 14.82 -20.47
C PHE B 256 -4.87 16.22 -19.98
N TRP B 257 -3.86 17.09 -19.92
CA TRP B 257 -4.06 18.46 -19.47
C TRP B 257 -4.55 19.37 -20.59
N ALA B 258 -5.11 18.81 -21.65
CA ALA B 258 -5.63 19.59 -22.76
C ALA B 258 -7.14 19.81 -22.72
N HIS B 259 -7.87 18.96 -21.99
CA HIS B 259 -9.33 19.03 -21.99
C HIS B 259 -9.82 19.87 -20.83
N PRO B 260 -10.43 21.03 -21.07
CA PRO B 260 -10.97 21.81 -19.96
C PRO B 260 -12.14 21.09 -19.30
N ILE B 261 -12.31 21.38 -18.01
CA ILE B 261 -13.34 20.74 -17.18
C ILE B 261 -14.38 21.78 -16.81
N THR B 262 -15.65 21.36 -16.78
CA THR B 262 -16.72 22.25 -16.40
C THR B 262 -16.51 22.78 -14.99
N LYS B 263 -16.91 24.04 -14.77
CA LYS B 263 -16.66 24.67 -13.49
C LYS B 263 -17.37 23.96 -12.35
N ASP B 264 -18.62 23.55 -12.57
CA ASP B 264 -19.40 22.90 -11.52
C ASP B 264 -18.87 21.54 -11.15
N SER B 265 -17.94 20.97 -11.93
CA SER B 265 -17.36 19.68 -11.64
C SER B 265 -15.90 19.78 -11.21
N GLN B 266 -15.40 20.97 -10.92
CA GLN B 266 -13.99 21.14 -10.57
C GLN B 266 -13.68 20.66 -9.17
N TRP B 267 -14.66 20.67 -8.26
CA TRP B 267 -14.39 20.46 -6.85
C TRP B 267 -13.96 19.04 -6.50
N ILE B 268 -14.12 18.08 -7.43
CA ILE B 268 -13.76 16.71 -7.12
C ILE B 268 -12.25 16.53 -7.03
N THR B 269 -11.51 17.19 -7.93
CA THR B 269 -10.09 16.90 -8.12
C THR B 269 -9.17 17.66 -7.16
N ALA B 270 -9.72 18.42 -6.22
CA ALA B 270 -8.89 19.18 -5.31
C ALA B 270 -8.10 18.25 -4.39
N PHE B 271 -6.90 18.70 -4.01
CA PHE B 271 -6.09 17.94 -3.06
C PHE B 271 -5.28 18.92 -2.22
N THR B 272 -4.82 18.43 -1.07
CA THR B 272 -4.15 19.28 -0.08
C THR B 272 -2.64 19.23 -0.28
N TRP B 273 -2.04 20.37 -0.57
CA TRP B 273 -0.60 20.51 -0.64
C TRP B 273 -0.18 21.75 0.13
N GLU B 274 0.88 21.63 0.92
CA GLU B 274 1.38 22.74 1.74
C GLU B 274 0.28 23.32 2.61
N GLY B 275 -0.63 22.46 3.06
CA GLY B 275 -1.71 22.88 3.92
C GLY B 275 -2.82 23.64 3.24
N LYS B 276 -2.83 23.71 1.91
CA LYS B 276 -3.89 24.42 1.18
C LYS B 276 -4.45 23.53 0.08
N GLN B 277 -5.73 23.69 -0.18
CA GLN B 277 -6.39 22.93 -1.24
C GLN B 277 -6.04 23.52 -2.60
N HIS B 278 -5.92 22.63 -3.58
CA HIS B 278 -5.63 23.01 -4.96
C HIS B 278 -6.62 22.29 -5.88
N VAL B 279 -7.07 22.99 -6.91
CA VAL B 279 -8.12 22.52 -7.80
C VAL B 279 -7.61 22.55 -9.23
N TRP B 280 -7.81 21.45 -9.95
CA TRP B 280 -7.45 21.36 -11.36
C TRP B 280 -8.53 22.00 -12.23
N THR B 281 -8.15 22.27 -13.48
CA THR B 281 -9.09 22.72 -14.49
C THR B 281 -9.12 21.84 -15.72
N ARG B 282 -8.14 20.95 -15.89
CA ARG B 282 -8.10 20.02 -17.01
C ARG B 282 -8.30 18.60 -16.49
N LEU B 283 -8.26 17.64 -17.39
CA LEU B 283 -8.46 16.25 -17.01
C LEU B 283 -7.31 15.80 -16.10
N PRO B 284 -7.60 15.16 -14.97
CA PRO B 284 -6.55 14.79 -14.02
C PRO B 284 -5.92 13.45 -14.34
N GLN B 285 -4.64 13.33 -13.99
CA GLN B 285 -3.90 12.10 -14.19
C GLN B 285 -4.47 10.97 -13.35
N GLY B 286 -4.59 9.79 -13.94
CA GLY B 286 -5.05 8.63 -13.22
C GLY B 286 -6.54 8.55 -13.01
N PHE B 287 -7.32 9.45 -13.60
CA PHE B 287 -8.76 9.39 -13.42
C PHE B 287 -9.35 8.20 -14.18
N LEU B 288 -10.59 7.85 -13.82
CA LEU B 288 -11.19 6.64 -14.33
C LEU B 288 -11.50 6.74 -15.83
N ASN B 289 -12.38 7.68 -16.20
CA ASN B 289 -12.85 7.77 -17.56
C ASN B 289 -12.03 8.71 -18.43
N SER B 290 -10.99 9.33 -17.87
CA SER B 290 -10.21 10.31 -18.64
C SER B 290 -9.53 9.71 -19.87
N PRO B 291 -8.82 8.58 -19.80
CA PRO B 291 -8.14 8.10 -21.02
C PRO B 291 -9.10 7.80 -22.16
N ALA B 292 -10.26 7.24 -21.85
CA ALA B 292 -11.24 6.96 -22.90
C ALA B 292 -11.69 8.25 -23.57
N LEU B 293 -11.97 9.29 -22.78
CA LEU B 293 -12.40 10.55 -23.34
C LEU B 293 -11.31 11.17 -24.21
N PHE B 294 -10.06 11.12 -23.75
CA PHE B 294 -8.97 11.67 -24.54
C PHE B 294 -8.79 10.91 -25.86
N THR B 295 -8.86 9.58 -25.79
CA THR B 295 -8.72 8.78 -27.00
C THR B 295 -9.85 9.05 -27.98
N ALA B 296 -11.08 9.22 -27.48
CA ALA B 296 -12.20 9.48 -28.36
C ALA B 296 -11.99 10.75 -29.18
N ASP B 297 -11.44 11.79 -28.57
CA ASP B 297 -11.18 13.01 -29.31
C ASP B 297 -9.99 12.87 -30.24
N VAL B 298 -8.92 12.21 -29.78
CA VAL B 298 -7.72 12.17 -30.62
C VAL B 298 -7.96 11.30 -31.85
N VAL B 299 -8.80 10.26 -31.73
CA VAL B 299 -8.94 9.32 -32.85
C VAL B 299 -9.68 9.97 -34.01
N ASP B 300 -10.73 10.72 -33.73
CA ASP B 300 -11.44 11.43 -34.80
C ASP B 300 -10.85 12.79 -35.08
N LEU B 301 -9.83 13.20 -34.32
CA LEU B 301 -9.03 14.35 -34.74
C LEU B 301 -8.35 14.09 -36.08
N LEU B 302 -8.12 12.82 -36.42
CA LEU B 302 -7.47 12.43 -37.67
C LEU B 302 -8.30 11.43 -38.45
N LYS B 303 -9.63 11.59 -38.42
CA LYS B 303 -10.52 10.64 -39.08
C LYS B 303 -10.36 10.65 -40.60
N ASN B 304 -9.72 11.68 -41.15
CA ASN B 304 -9.62 11.82 -42.59
C ASN B 304 -8.41 11.09 -43.19
N ILE B 305 -7.35 10.90 -42.42
CA ILE B 305 -6.11 10.29 -42.91
C ILE B 305 -6.14 8.81 -42.58
N PRO B 306 -6.09 7.92 -43.56
CA PRO B 306 -6.04 6.49 -43.26
C PRO B 306 -4.62 6.04 -42.93
N GLY B 307 -4.54 4.82 -42.38
CA GLY B 307 -3.26 4.20 -42.10
C GLY B 307 -2.61 4.61 -40.79
N ILE B 308 -3.22 5.51 -40.05
CA ILE B 308 -2.67 5.97 -38.78
C ILE B 308 -3.09 4.99 -37.69
N SER B 309 -2.37 5.02 -36.57
CA SER B 309 -2.70 4.17 -35.42
C SER B 309 -2.37 4.93 -34.15
N VAL B 310 -3.38 5.22 -33.34
CA VAL B 310 -3.23 6.01 -32.14
C VAL B 310 -3.48 5.12 -30.92
N TYR B 311 -2.62 5.25 -29.91
CA TYR B 311 -2.83 4.54 -28.65
C TYR B 311 -2.51 5.49 -27.51
N VAL B 312 -3.47 5.65 -26.59
CA VAL B 312 -3.40 6.56 -25.45
C VAL B 312 -2.67 7.85 -25.75
N ASP B 313 -1.37 7.79 -25.99
CA ASP B 313 -0.57 8.99 -26.19
C ASP B 313 0.30 8.95 -27.45
N ASP B 314 0.84 7.80 -27.82
CA ASP B 314 1.64 7.71 -29.03
C ASP B 314 0.75 7.59 -30.28
N ILE B 315 1.30 8.09 -31.39
CA ILE B 315 0.65 8.03 -32.69
C ILE B 315 1.67 7.50 -33.69
N TYR B 316 1.26 6.51 -34.49
CA TYR B 316 2.16 5.80 -35.39
C TYR B 316 1.64 5.86 -36.82
N PHE B 317 2.55 6.12 -37.75
CA PHE B 317 2.26 6.14 -39.17
C PHE B 317 3.25 5.24 -39.91
N SER B 318 2.79 4.66 -41.00
CA SER B 318 3.61 3.78 -41.82
C SER B 318 3.51 4.19 -43.28
N THR B 319 4.65 4.18 -43.97
CA THR B 319 4.72 4.51 -45.38
C THR B 319 5.68 3.56 -46.07
N GLU B 320 5.59 3.50 -47.40
CA GLU B 320 6.46 2.65 -48.19
C GLU B 320 7.45 3.42 -49.05
N THR B 321 7.27 4.73 -49.20
CA THR B 321 8.22 5.59 -49.90
C THR B 321 8.65 6.71 -48.98
N VAL B 322 9.47 7.61 -49.51
CA VAL B 322 9.95 8.74 -48.72
C VAL B 322 9.12 9.99 -48.99
N SER B 323 8.74 10.23 -50.23
CA SER B 323 7.95 11.42 -50.56
C SER B 323 6.59 11.37 -49.90
N GLU B 324 5.92 10.21 -49.94
CA GLU B 324 4.64 10.07 -49.26
C GLU B 324 4.80 10.27 -47.76
N HIS B 325 5.91 9.77 -47.19
CA HIS B 325 6.18 10.00 -45.79
C HIS B 325 6.31 11.48 -45.47
N LEU B 326 7.03 12.22 -46.31
CA LEU B 326 7.18 13.66 -46.09
C LEU B 326 5.82 14.35 -46.17
N LYS B 327 5.03 13.98 -47.16
CA LYS B 327 3.71 14.57 -47.35
C LYS B 327 2.77 14.31 -46.18
N ILE B 328 2.80 13.09 -45.65
CA ILE B 328 1.93 12.76 -44.53
C ILE B 328 2.42 13.43 -43.24
N LEU B 329 3.74 13.54 -43.09
CA LEU B 329 4.26 14.21 -41.90
C LEU B 329 3.89 15.69 -41.89
N GLU B 330 4.04 16.34 -43.05
CA GLU B 330 3.70 17.75 -43.17
C GLU B 330 2.21 17.97 -42.91
N LYS B 331 1.39 17.07 -43.43
CA LYS B 331 -0.06 17.15 -43.25
C LYS B 331 -0.44 16.97 -41.78
N VAL B 332 0.11 15.96 -41.13
CA VAL B 332 -0.24 15.70 -39.74
C VAL B 332 0.26 16.82 -38.84
N PHE B 333 1.42 17.40 -39.15
CA PHE B 333 1.90 18.52 -38.36
C PHE B 333 0.99 19.72 -38.50
N LYS B 334 0.53 20.03 -39.72
CA LYS B 334 -0.40 21.13 -39.89
C LYS B 334 -1.70 20.86 -39.14
N ILE B 335 -2.20 19.63 -39.20
CA ILE B 335 -3.43 19.29 -38.50
C ILE B 335 -3.27 19.48 -37.00
N LEU B 336 -2.14 19.01 -36.45
CA LEU B 336 -1.92 19.15 -35.01
C LEU B 336 -1.79 20.60 -34.60
N LEU B 337 -1.05 21.40 -35.38
CA LEU B 337 -0.93 22.83 -35.05
C LEU B 337 -2.28 23.52 -35.11
N GLU B 338 -3.14 23.12 -36.04
CA GLU B 338 -4.51 23.62 -36.03
C GLU B 338 -5.24 23.18 -34.77
N ALA B 339 -5.03 21.94 -34.34
CA ALA B 339 -5.72 21.42 -33.17
C ALA B 339 -5.28 22.14 -31.90
N GLY B 340 -3.98 22.32 -31.73
CA GLY B 340 -3.45 22.97 -30.55
C GLY B 340 -2.70 22.08 -29.57
N TYR B 341 -2.01 21.05 -30.04
CA TYR B 341 -1.29 20.11 -29.20
C TYR B 341 0.22 20.33 -29.34
N ILE B 342 0.97 19.79 -28.37
CA ILE B 342 2.42 19.90 -28.36
C ILE B 342 3.02 18.51 -28.23
N VAL B 343 4.18 18.33 -28.84
CA VAL B 343 4.85 17.03 -28.91
C VAL B 343 6.13 17.10 -28.09
N SER B 344 6.49 15.98 -27.47
CA SER B 344 7.76 15.83 -26.75
C SER B 344 8.72 15.07 -27.65
N LEU B 345 9.73 15.78 -28.16
CA LEU B 345 10.67 15.16 -29.10
C LEU B 345 11.50 14.06 -28.46
N LYS B 346 11.71 14.15 -27.14
CA LYS B 346 12.61 13.22 -26.47
C LYS B 346 12.12 11.78 -26.58
N LYS B 347 10.83 11.55 -26.39
CA LYS B 347 10.30 10.20 -26.31
C LYS B 347 9.82 9.65 -27.65
N SER B 348 9.88 10.44 -28.72
CA SER B 348 9.43 9.99 -30.04
C SER B 348 10.60 9.57 -30.91
N ALA B 349 10.28 8.83 -31.97
CA ALA B 349 11.27 8.40 -32.95
C ALA B 349 10.56 8.15 -34.27
N LEU B 350 11.34 8.15 -35.35
CA LEU B 350 10.76 8.05 -36.68
C LEU B 350 11.85 7.61 -37.65
N LEU B 351 11.40 7.17 -38.83
CA LEU B 351 12.29 6.76 -39.92
C LEU B 351 13.27 5.68 -39.47
N ARG B 352 12.74 4.68 -38.78
CA ARG B 352 13.53 3.56 -38.30
C ARG B 352 12.91 2.26 -38.77
N TYR B 353 13.76 1.32 -39.20
CA TYR B 353 13.29 0.01 -39.60
C TYR B 353 12.69 -0.77 -38.44
N GLU B 354 13.10 -0.47 -37.22
CA GLU B 354 12.56 -1.11 -36.02
C GLU B 354 12.13 -0.04 -35.04
N VAL B 355 10.99 -0.25 -34.39
CA VAL B 355 10.43 0.72 -33.46
C VAL B 355 9.70 -0.03 -32.36
N THR B 356 9.57 0.63 -31.20
CA THR B 356 8.84 0.07 -30.07
C THR B 356 7.46 0.71 -29.98
N PHE B 357 6.45 -0.12 -29.73
CA PHE B 357 5.07 0.34 -29.64
C PHE B 357 4.22 -0.78 -29.05
N LEU B 358 3.33 -0.41 -28.12
CA LEU B 358 2.45 -1.36 -27.46
C LEU B 358 3.21 -2.46 -26.74
N GLY B 359 4.44 -2.16 -26.33
CA GLY B 359 5.28 -3.15 -25.69
C GLY B 359 5.94 -4.13 -26.63
N PHE B 360 5.77 -3.96 -27.94
CA PHE B 360 6.35 -4.85 -28.93
C PHE B 360 7.37 -4.09 -29.78
N SER B 361 8.18 -4.86 -30.50
CA SER B 361 9.11 -4.33 -31.48
C SER B 361 8.61 -4.67 -32.87
N ILE B 362 8.64 -3.71 -33.77
CA ILE B 362 8.01 -3.84 -35.08
C ILE B 362 9.10 -3.91 -36.15
N THR B 363 9.12 -5.02 -36.89
CA THR B 363 10.01 -5.19 -38.02
C THR B 363 9.29 -4.78 -39.30
N GLN B 364 9.89 -5.08 -40.45
CA GLN B 364 9.29 -4.77 -41.74
C GLN B 364 8.11 -5.67 -42.01
N THR B 365 7.06 -5.12 -42.60
CA THR B 365 5.85 -5.84 -43.00
C THR B 365 5.31 -6.74 -41.89
N SER B 371 2.06 -12.51 -37.00
CA SER B 371 3.01 -11.58 -36.40
C SER B 371 3.91 -12.28 -35.39
N GLU B 372 4.34 -11.53 -34.37
CA GLU B 372 5.19 -12.12 -33.34
C GLU B 372 4.43 -13.17 -32.54
N PHE B 373 3.24 -12.81 -32.05
CA PHE B 373 2.40 -13.80 -31.37
C PHE B 373 1.87 -14.80 -32.39
N LYS B 374 2.04 -16.08 -32.08
CA LYS B 374 1.78 -17.15 -33.03
C LYS B 374 0.72 -18.10 -32.47
N ASP B 375 0.52 -19.20 -33.21
CA ASP B 375 -0.42 -20.25 -32.81
C ASP B 375 0.15 -21.64 -33.05
N LYS B 376 1.45 -21.76 -33.29
CA LYS B 376 2.02 -23.06 -33.66
C LYS B 376 2.38 -23.88 -32.42
N GLN B 378 2.75 -23.22 -31.32
CA GLN B 378 3.17 -23.88 -30.09
C GLN B 378 4.45 -24.65 -30.38
N ASN B 379 4.44 -25.99 -30.30
CA ASN B 379 5.58 -26.86 -30.59
C ASN B 379 6.65 -26.74 -29.52
N ILE B 380 7.48 -27.77 -29.38
CA ILE B 380 8.44 -27.88 -28.28
C ILE B 380 9.71 -28.54 -28.80
N THR B 381 10.86 -28.11 -28.28
CA THR B 381 12.12 -28.74 -28.62
C THR B 381 12.24 -30.11 -27.97
N SER B 382 13.30 -30.82 -28.32
CA SER B 382 13.47 -32.20 -27.86
C SER B 382 13.70 -32.25 -26.35
N PRO B 383 13.10 -33.20 -25.65
CA PRO B 383 13.39 -33.36 -24.22
C PRO B 383 14.78 -33.95 -24.01
N ARG B 384 15.31 -33.72 -22.81
CA ARG B 384 16.64 -34.24 -22.49
C ARG B 384 16.67 -34.91 -21.12
N THR B 385 15.73 -34.58 -20.25
CA THR B 385 15.74 -35.07 -18.88
C THR B 385 14.37 -35.53 -18.44
N LEU B 386 14.33 -36.24 -17.32
CA LEU B 386 13.07 -36.69 -16.75
C LEU B 386 12.20 -35.52 -16.33
N LYS B 387 12.83 -34.45 -15.82
CA LYS B 387 12.06 -33.28 -15.38
C LYS B 387 11.27 -32.68 -16.54
N GLU B 388 11.89 -32.59 -17.71
CA GLU B 388 11.20 -32.04 -18.87
C GLU B 388 9.98 -32.86 -19.24
N LEU B 389 10.12 -34.19 -19.26
CA LEU B 389 8.99 -35.04 -19.62
C LEU B 389 7.89 -34.96 -18.56
N GLN B 390 8.29 -34.91 -17.29
CA GLN B 390 7.30 -34.76 -16.21
C GLN B 390 6.53 -33.47 -16.36
N SER B 391 7.23 -32.37 -16.66
CA SER B 391 6.56 -31.09 -16.83
C SER B 391 5.64 -31.11 -18.05
N ILE B 392 6.07 -31.74 -19.13
CA ILE B 392 5.23 -31.84 -20.32
C ILE B 392 3.96 -32.62 -20.01
N LEU B 393 4.10 -33.73 -19.30
CA LEU B 393 2.93 -34.51 -18.92
C LEU B 393 1.99 -33.71 -18.04
N GLY B 394 2.55 -32.96 -17.08
CA GLY B 394 1.71 -32.11 -16.25
C GLY B 394 0.99 -31.05 -17.07
N LEU B 395 1.69 -30.46 -18.05
CA LEU B 395 1.09 -29.45 -18.91
C LEU B 395 -0.07 -30.02 -19.71
N PHE B 396 0.11 -31.21 -20.28
CA PHE B 396 -0.90 -31.80 -21.14
C PHE B 396 -1.95 -32.60 -20.38
N ASN B 397 -1.82 -32.70 -19.05
CA ASN B 397 -2.81 -33.43 -18.27
C ASN B 397 -4.22 -32.85 -18.41
N PHE B 398 -4.34 -31.59 -18.81
CA PHE B 398 -5.66 -31.00 -19.01
C PHE B 398 -6.38 -31.65 -20.19
N ALA B 399 -5.65 -32.08 -21.21
CA ALA B 399 -6.26 -32.51 -22.46
C ALA B 399 -7.14 -33.74 -22.30
N ARG B 400 -6.96 -34.51 -21.22
CA ARG B 400 -7.78 -35.70 -21.01
C ARG B 400 -9.25 -35.38 -20.75
N ASN B 401 -9.58 -34.12 -20.51
CA ASN B 401 -10.96 -33.78 -20.17
C ASN B 401 -11.90 -33.95 -21.35
N PHE B 402 -11.42 -33.80 -22.58
CA PHE B 402 -12.30 -33.80 -23.74
C PHE B 402 -11.82 -34.65 -24.92
N VAL B 403 -10.56 -35.06 -24.95
CA VAL B 403 -10.04 -35.84 -26.08
C VAL B 403 -10.33 -37.31 -25.81
N PRO B 404 -11.12 -37.97 -26.65
CA PRO B 404 -11.42 -39.40 -26.38
C PRO B 404 -10.23 -40.31 -26.60
N ASN B 405 -9.50 -40.14 -27.70
CA ASN B 405 -8.36 -40.99 -28.02
C ASN B 405 -7.07 -40.49 -27.39
N PHE B 406 -7.16 -39.66 -26.34
CA PHE B 406 -5.97 -39.15 -25.69
C PHE B 406 -5.18 -40.27 -25.03
N SER B 407 -5.87 -41.24 -24.43
CA SER B 407 -5.19 -42.30 -23.70
C SER B 407 -4.28 -43.13 -24.59
N GLU B 408 -4.76 -43.46 -25.80
CA GLU B 408 -3.95 -44.25 -26.71
C GLU B 408 -2.69 -43.51 -27.12
N ILE B 409 -2.79 -42.20 -27.38
CA ILE B 409 -1.62 -41.42 -27.76
C ILE B 409 -0.67 -41.26 -26.58
N ILE B 410 -1.22 -41.14 -25.37
CA ILE B 410 -0.39 -40.87 -24.19
C ILE B 410 0.26 -42.12 -23.65
N LYS B 411 -0.26 -43.31 -23.97
CA LYS B 411 0.34 -44.54 -23.48
C LYS B 411 1.83 -44.68 -23.81
N PRO B 412 2.32 -44.34 -25.01
CA PRO B 412 3.78 -44.40 -25.24
C PRO B 412 4.59 -43.57 -24.25
N LEU B 413 4.11 -42.38 -23.88
CA LEU B 413 4.84 -41.57 -22.92
C LEU B 413 4.92 -42.26 -21.55
N TYR B 414 3.82 -42.85 -21.11
CA TYR B 414 3.82 -43.57 -19.84
C TYR B 414 4.73 -44.80 -19.91
N SER B 415 4.76 -45.46 -21.06
CA SER B 415 5.69 -46.58 -21.24
C SER B 415 7.13 -46.10 -21.14
N LEU B 416 7.44 -44.96 -21.76
CA LEU B 416 8.80 -44.43 -21.73
C LEU B 416 9.21 -44.07 -20.31
N ILE B 417 8.31 -43.42 -19.55
CA ILE B 417 8.66 -43.03 -18.20
C ILE B 417 8.74 -44.25 -17.29
N SER B 418 7.95 -45.30 -17.57
CA SER B 418 7.95 -46.49 -16.73
C SER B 418 9.30 -47.19 -16.77
N THR B 419 9.86 -47.37 -17.97
CA THR B 419 11.11 -48.11 -18.10
C THR B 419 12.32 -47.28 -17.71
N ALA B 420 12.29 -45.97 -17.95
CA ALA B 420 13.46 -45.14 -17.74
C ALA B 420 13.83 -45.05 -16.27
N GLU B 421 15.12 -44.83 -16.01
CA GLU B 421 15.64 -44.65 -14.67
C GLU B 421 16.63 -43.49 -14.68
N GLY B 422 16.79 -42.87 -13.51
CA GLY B 422 17.70 -41.73 -13.35
C GLY B 422 17.37 -40.60 -14.31
N ASN B 423 18.32 -39.69 -14.52
CA ASN B 423 18.12 -38.58 -15.44
C ASN B 423 18.43 -38.95 -16.89
N ASN B 424 19.04 -40.10 -17.14
CA ASN B 424 19.36 -40.52 -18.50
C ASN B 424 18.12 -41.09 -19.16
N ILE B 425 17.81 -40.62 -20.36
CA ILE B 425 16.63 -41.05 -21.09
C ILE B 425 17.03 -41.45 -22.50
N LYS B 426 16.16 -42.23 -23.13
CA LYS B 426 16.35 -42.66 -24.52
C LYS B 426 15.04 -42.41 -25.27
N TRP B 427 14.89 -41.19 -25.79
CA TRP B 427 13.69 -40.78 -26.52
C TRP B 427 14.02 -40.81 -28.01
N THR B 428 13.53 -41.82 -28.71
CA THR B 428 13.78 -41.96 -30.13
C THR B 428 12.86 -41.02 -30.92
N SER B 429 13.03 -41.04 -32.25
CA SER B 429 12.21 -40.19 -33.10
C SER B 429 10.74 -40.59 -33.09
N GLU B 430 10.42 -41.82 -32.67
CA GLU B 430 9.03 -42.22 -32.56
C GLU B 430 8.31 -41.38 -31.52
N HIS B 431 8.98 -41.06 -30.42
CA HIS B 431 8.40 -40.16 -29.42
C HIS B 431 8.17 -38.78 -30.00
N THR B 432 9.09 -38.32 -30.85
CA THR B 432 8.90 -37.05 -31.54
C THR B 432 7.67 -37.07 -32.43
N ARG B 433 7.49 -38.17 -33.16
CA ARG B 433 6.30 -38.31 -34.00
C ARG B 433 5.03 -38.32 -33.13
N TYR B 434 5.09 -39.01 -31.99
CA TYR B 434 3.95 -39.05 -31.09
C TYR B 434 3.57 -37.65 -30.63
N LEU B 435 4.56 -36.88 -30.15
CA LEU B 435 4.27 -35.55 -29.63
C LEU B 435 3.80 -34.62 -30.74
N GLU B 436 4.39 -34.73 -31.94
CA GLU B 436 3.93 -33.91 -33.05
C GLU B 436 2.49 -34.23 -33.41
N GLU B 437 2.14 -35.52 -33.45
CA GLU B 437 0.78 -35.92 -33.74
C GLU B 437 -0.18 -35.42 -32.69
N ILE B 438 0.19 -35.50 -31.41
CA ILE B 438 -0.71 -35.05 -30.36
C ILE B 438 -0.90 -33.53 -30.41
N VAL B 439 0.16 -32.80 -30.73
CA VAL B 439 0.05 -31.35 -30.88
C VAL B 439 -0.89 -31.01 -32.03
N SER B 440 -0.70 -31.68 -33.17
CA SER B 440 -1.56 -31.42 -34.33
C SER B 440 -3.02 -31.75 -34.01
N ALA B 441 -3.25 -32.88 -33.34
CA ALA B 441 -4.61 -33.26 -32.99
C ALA B 441 -5.25 -32.26 -32.03
N LEU B 442 -4.47 -31.79 -31.06
CA LEU B 442 -5.00 -30.80 -30.12
C LEU B 442 -5.32 -29.48 -30.81
N ASN B 443 -4.53 -29.11 -31.81
CA ASN B 443 -4.61 -27.74 -32.32
C ASN B 443 -5.51 -27.60 -33.54
N HIS B 444 -5.60 -28.61 -34.41
CA HIS B 444 -6.16 -28.41 -35.75
C HIS B 444 -7.62 -27.98 -35.72
N ALA B 445 -8.53 -28.85 -35.27
CA ALA B 445 -9.95 -28.53 -35.21
C ALA B 445 -10.64 -29.18 -34.01
N GLY B 446 -9.90 -29.86 -33.15
CA GLY B 446 -10.50 -30.67 -32.10
C GLY B 446 -11.38 -29.90 -31.14
N ASN B 447 -12.69 -30.09 -31.25
CA ASN B 447 -13.69 -29.61 -30.30
C ASN B 447 -13.71 -28.08 -30.20
N LEU B 448 -12.98 -27.39 -31.07
CA LEU B 448 -12.89 -25.93 -30.99
C LEU B 448 -14.25 -25.33 -31.31
N GLU B 449 -14.93 -24.86 -30.27
CA GLU B 449 -16.29 -24.36 -30.41
C GLU B 449 -16.29 -22.87 -30.74
N GLN B 450 -17.42 -22.41 -31.27
CA GLN B 450 -17.60 -21.00 -31.58
C GLN B 450 -17.83 -20.19 -30.32
N ARG B 451 -17.36 -18.95 -30.33
CA ARG B 451 -17.48 -18.08 -29.18
C ARG B 451 -18.92 -17.64 -28.97
N ASP B 452 -19.26 -17.32 -27.72
CA ASP B 452 -20.57 -16.84 -27.35
C ASP B 452 -20.49 -15.37 -26.96
N ASN B 453 -21.33 -14.54 -27.58
CA ASN B 453 -21.33 -13.12 -27.29
C ASN B 453 -21.87 -12.83 -25.90
N GLU B 454 -22.95 -13.53 -25.52
CA GLU B 454 -23.57 -13.26 -24.23
C GLU B 454 -22.70 -13.74 -23.07
N SER B 455 -22.06 -14.90 -23.23
CA SER B 455 -21.27 -15.46 -22.16
C SER B 455 -20.06 -14.56 -21.85
N PRO B 456 -19.78 -14.33 -20.57
CA PRO B 456 -18.52 -13.66 -20.22
C PRO B 456 -17.34 -14.55 -20.57
N LEU B 457 -16.23 -13.90 -20.92
CA LEU B 457 -15.02 -14.60 -21.35
C LEU B 457 -14.09 -14.83 -20.17
N VAL B 458 -13.55 -16.04 -20.10
CA VAL B 458 -12.60 -16.43 -19.07
C VAL B 458 -11.32 -16.89 -19.75
N VAL B 459 -10.19 -16.42 -19.23
CA VAL B 459 -8.88 -16.76 -19.77
C VAL B 459 -8.00 -17.29 -18.65
N LYS B 460 -7.23 -18.33 -18.95
CA LYS B 460 -6.31 -18.92 -17.99
C LYS B 460 -4.93 -18.79 -18.61
N LEU B 461 -3.97 -18.30 -17.86
CA LEU B 461 -2.63 -18.11 -18.42
C LEU B 461 -1.57 -18.63 -17.46
N ASN B 462 -0.42 -18.98 -18.03
CA ASN B 462 0.71 -19.46 -17.26
C ASN B 462 1.99 -19.08 -17.99
N ALA B 463 3.08 -19.02 -17.25
CA ALA B 463 4.35 -18.58 -17.77
C ALA B 463 5.42 -19.63 -17.55
N SER B 464 6.28 -19.82 -18.54
CA SER B 464 7.42 -20.71 -18.47
C SER B 464 8.71 -19.90 -18.42
N PRO B 465 9.82 -20.51 -17.97
CA PRO B 465 11.08 -19.76 -17.89
C PRO B 465 11.56 -19.21 -19.23
N LYS B 466 10.99 -19.68 -20.35
CA LYS B 466 11.36 -19.17 -21.65
C LYS B 466 10.19 -18.72 -22.50
N THR B 467 8.97 -19.18 -22.22
CA THR B 467 7.80 -18.82 -23.00
C THR B 467 6.60 -18.70 -22.05
N GLY B 468 5.41 -18.63 -22.64
CA GLY B 468 4.19 -18.58 -21.87
C GLY B 468 3.03 -19.06 -22.72
N TYR B 469 1.93 -19.37 -22.06
CA TYR B 469 0.78 -19.96 -22.75
C TYR B 469 -0.52 -19.44 -22.15
N ILE B 470 -1.47 -19.10 -23.02
CA ILE B 470 -2.77 -18.60 -22.61
C ILE B 470 -3.85 -19.44 -23.29
N ARG B 471 -4.97 -19.58 -22.59
CA ARG B 471 -6.11 -20.33 -23.09
C ARG B 471 -7.37 -19.51 -22.87
N TYR B 472 -8.36 -19.70 -23.73
CA TYR B 472 -9.61 -18.96 -23.64
C TYR B 472 -10.79 -19.92 -23.62
N TYR B 473 -11.66 -19.76 -22.63
CA TYR B 473 -12.89 -20.51 -22.50
C TYR B 473 -14.05 -19.53 -22.48
N ASN B 474 -15.28 -20.07 -22.42
CA ASN B 474 -16.48 -19.25 -22.27
C ASN B 474 -17.35 -19.86 -21.17
N LYS B 475 -17.69 -19.05 -20.16
CA LYS B 475 -18.50 -19.49 -19.04
C LYS B 475 -17.97 -20.79 -18.44
N GLY B 476 -16.64 -20.88 -18.35
CA GLY B 476 -16.03 -22.14 -17.94
C GLY B 476 -16.34 -23.28 -18.89
N GLY B 477 -16.26 -23.02 -20.20
CA GLY B 477 -16.65 -24.02 -21.16
C GLY B 477 -15.68 -25.19 -21.21
N GLN B 478 -16.16 -26.29 -21.80
CA GLN B 478 -15.38 -27.51 -21.85
C GLN B 478 -14.21 -27.38 -22.83
N LYS B 479 -14.37 -26.62 -23.90
CA LYS B 479 -13.38 -26.61 -24.96
C LYS B 479 -12.64 -25.28 -25.02
N PRO B 480 -11.38 -25.29 -25.43
CA PRO B 480 -10.66 -24.03 -25.64
C PRO B 480 -11.22 -23.28 -26.85
N ILE B 481 -11.14 -21.97 -26.79
CA ILE B 481 -11.61 -21.13 -27.89
C ILE B 481 -10.48 -20.80 -28.84
N ALA B 482 -9.33 -20.39 -28.31
CA ALA B 482 -8.17 -20.05 -29.11
C ALA B 482 -6.92 -20.23 -28.26
N TYR B 483 -5.77 -20.24 -28.93
CA TYR B 483 -4.49 -20.41 -28.27
C TYR B 483 -3.65 -19.14 -28.43
N ALA B 484 -2.55 -19.10 -27.68
CA ALA B 484 -1.63 -17.98 -27.74
C ALA B 484 -0.24 -18.46 -27.32
N SER B 485 0.77 -17.68 -27.71
CA SER B 485 2.15 -18.02 -27.37
C SER B 485 2.99 -16.76 -27.44
N HIS B 486 4.21 -16.85 -26.90
CA HIS B 486 5.11 -15.71 -26.88
C HIS B 486 6.53 -16.20 -26.62
N VAL B 487 7.49 -15.61 -27.31
CA VAL B 487 8.90 -15.96 -27.17
C VAL B 487 9.61 -14.83 -26.44
N PHE B 488 10.49 -15.18 -25.50
CA PHE B 488 11.22 -14.20 -24.72
C PHE B 488 12.55 -13.89 -25.38
N THR B 489 12.80 -12.61 -25.64
CA THR B 489 14.06 -12.18 -26.21
C THR B 489 15.13 -12.07 -25.13
N ASN B 490 16.36 -11.74 -25.54
CA ASN B 490 17.46 -11.63 -24.59
C ASN B 490 17.22 -10.53 -23.58
N THR B 491 16.54 -9.46 -23.99
CA THR B 491 16.35 -8.31 -23.11
C THR B 491 15.59 -8.72 -21.84
N GLU B 492 14.49 -9.44 -22.01
CA GLU B 492 13.74 -9.94 -20.85
C GLU B 492 14.20 -11.31 -20.40
N LEU B 493 15.13 -11.94 -21.11
CA LEU B 493 15.68 -13.22 -20.65
C LEU B 493 16.45 -13.06 -19.36
N LYS B 494 17.02 -11.87 -19.12
CA LYS B 494 17.73 -11.57 -17.89
C LYS B 494 16.85 -10.92 -16.84
N PHE B 495 15.53 -10.97 -17.01
CA PHE B 495 14.60 -10.33 -16.10
C PHE B 495 14.16 -11.30 -15.01
N THR B 496 13.45 -10.75 -14.02
CA THR B 496 12.86 -11.57 -12.99
C THR B 496 11.68 -12.36 -13.55
N PRO B 497 11.35 -13.51 -12.96
CA PRO B 497 10.18 -14.27 -13.44
C PRO B 497 8.88 -13.48 -13.36
N LEU B 498 8.73 -12.65 -12.33
CA LEU B 498 7.49 -11.89 -12.17
C LEU B 498 7.30 -10.90 -13.31
N GLU B 499 8.39 -10.25 -13.74
CA GLU B 499 8.28 -9.33 -14.88
C GLU B 499 7.86 -10.07 -16.15
N LYS B 500 8.45 -11.26 -16.37
CA LYS B 500 8.07 -12.06 -17.52
C LYS B 500 6.59 -12.39 -17.50
N LEU B 501 6.11 -12.89 -16.36
CA LEU B 501 4.71 -13.30 -16.28
C LEU B 501 3.80 -12.08 -16.40
N LEU B 502 4.23 -10.93 -15.87
CA LEU B 502 3.42 -9.72 -15.97
C LEU B 502 3.30 -9.25 -17.43
N VAL B 503 4.40 -9.28 -18.18
CA VAL B 503 4.30 -8.83 -19.57
C VAL B 503 3.48 -9.82 -20.39
N THR B 504 3.58 -11.12 -20.09
CA THR B 504 2.72 -12.08 -20.76
C THR B 504 1.26 -11.82 -20.42
N MET B 505 0.97 -11.48 -19.17
CA MET B 505 -0.40 -11.13 -18.80
C MET B 505 -0.87 -9.90 -19.53
N HIS B 506 0.02 -8.93 -19.72
CA HIS B 506 -0.33 -7.72 -20.46
C HIS B 506 -0.75 -8.06 -21.89
N LYS B 507 0.07 -8.86 -22.57
CA LYS B 507 -0.23 -9.26 -23.94
C LYS B 507 -1.52 -10.07 -24.00
N ALA B 508 -1.71 -10.97 -23.04
CA ALA B 508 -2.91 -11.78 -23.01
C ALA B 508 -4.15 -10.95 -22.77
N LEU B 509 -4.05 -9.94 -21.89
CA LEU B 509 -5.18 -9.05 -21.66
C LEU B 509 -5.52 -8.26 -22.91
N ILE B 510 -4.49 -7.82 -23.64
CA ILE B 510 -4.73 -7.13 -24.91
C ILE B 510 -5.52 -8.04 -25.86
N LYS B 511 -5.04 -9.28 -26.03
CA LYS B 511 -5.71 -10.19 -26.94
C LYS B 511 -7.14 -10.50 -26.48
N ALA B 512 -7.33 -10.70 -25.18
CA ALA B 512 -8.64 -11.04 -24.65
C ALA B 512 -9.63 -9.90 -24.85
N ILE B 513 -9.21 -8.66 -24.56
CA ILE B 513 -10.11 -7.54 -24.78
C ILE B 513 -10.36 -7.33 -26.26
N ASP B 514 -9.39 -7.67 -27.11
CA ASP B 514 -9.62 -7.62 -28.54
C ASP B 514 -10.70 -8.61 -28.96
N LEU B 515 -10.66 -9.82 -28.42
CA LEU B 515 -11.62 -10.86 -28.76
C LEU B 515 -12.92 -10.74 -27.96
N ALA B 516 -13.00 -9.78 -27.04
CA ALA B 516 -14.20 -9.60 -26.24
C ALA B 516 -15.41 -9.23 -27.09
N GLN B 519 -17.99 -6.93 -22.66
CA GLN B 519 -18.26 -8.25 -22.12
C GLN B 519 -17.39 -8.50 -20.89
N PRO B 520 -17.97 -9.09 -19.84
CA PRO B 520 -17.20 -9.36 -18.62
C PRO B 520 -16.04 -10.30 -18.90
N ILE B 521 -14.91 -10.03 -18.25
CA ILE B 521 -13.68 -10.75 -18.47
C ILE B 521 -13.11 -11.24 -17.15
N GLU B 522 -12.66 -12.49 -17.13
CA GLU B 522 -12.05 -13.09 -15.96
C GLU B 522 -10.68 -13.65 -16.32
N VAL B 523 -9.74 -13.53 -15.39
CA VAL B 523 -8.35 -13.95 -15.61
C VAL B 523 -7.95 -14.89 -14.49
N TYR B 524 -7.29 -15.98 -14.86
CA TYR B 524 -6.75 -16.94 -13.90
C TYR B 524 -5.24 -17.00 -14.07
N SER B 525 -4.51 -16.48 -13.09
CA SER B 525 -3.08 -16.29 -13.18
C SER B 525 -2.43 -16.72 -11.87
N PRO B 526 -1.14 -17.06 -11.90
CA PRO B 526 -0.42 -17.27 -10.64
C PRO B 526 -0.28 -16.02 -9.79
N ILE B 527 -0.58 -14.83 -10.33
CA ILE B 527 -0.42 -13.61 -9.56
C ILE B 527 -1.37 -13.63 -8.36
N ILE B 528 -0.91 -13.06 -7.25
CA ILE B 528 -1.72 -12.92 -6.05
C ILE B 528 -2.00 -11.47 -5.74
N SER B 529 -1.04 -10.57 -6.02
CA SER B 529 -1.22 -9.16 -5.69
C SER B 529 -2.38 -8.54 -6.43
N MET B 530 -2.67 -9.02 -7.64
CA MET B 530 -3.79 -8.46 -8.41
C MET B 530 -5.10 -8.61 -7.64
N GLN B 531 -5.40 -9.84 -7.20
CA GLN B 531 -6.65 -10.07 -6.49
C GLN B 531 -6.65 -9.37 -5.14
N LYS B 532 -5.49 -9.24 -4.49
CA LYS B 532 -5.41 -8.51 -3.24
C LYS B 532 -5.78 -7.05 -3.44
N LEU B 533 -5.23 -6.42 -4.48
CA LEU B 533 -5.55 -5.02 -4.75
C LEU B 533 -7.00 -4.86 -5.19
N GLN B 534 -7.54 -5.86 -5.88
CA GLN B 534 -8.89 -5.74 -6.42
C GLN B 534 -9.92 -5.63 -5.29
N LYS B 535 -9.69 -6.40 -4.24
CA LYS B 535 -10.56 -6.34 -3.09
C LYS B 535 -9.77 -6.20 -1.80
N THR B 536 -9.88 -5.03 -1.18
CA THR B 536 -9.30 -4.78 0.13
C THR B 536 -10.14 -3.72 0.82
N PRO B 537 -10.44 -3.88 2.10
CA PRO B 537 -11.22 -2.86 2.82
C PRO B 537 -10.43 -1.57 2.99
N LEU B 538 -11.19 -0.50 3.24
CA LEU B 538 -10.61 0.84 3.24
C LEU B 538 -9.48 1.08 4.25
N PRO B 539 -9.54 0.60 5.50
CA PRO B 539 -8.58 1.08 6.51
C PRO B 539 -7.11 0.83 6.18
N GLU B 540 -6.80 0.08 5.13
CA GLU B 540 -5.41 -0.27 4.82
C GLU B 540 -5.04 0.06 3.38
N ARG B 541 -5.69 1.06 2.79
CA ARG B 541 -5.39 1.41 1.40
C ARG B 541 -3.93 1.81 1.24
N LYS B 542 -3.52 2.88 1.90
CA LYS B 542 -2.11 3.31 1.97
C LYS B 542 -1.62 3.58 0.55
N ALA B 543 -0.40 3.19 0.20
CA ALA B 543 0.22 3.51 -1.08
C ALA B 543 0.52 2.22 -1.85
N LEU B 544 1.21 2.39 -2.98
CA LEU B 544 1.51 1.29 -3.87
C LEU B 544 2.69 1.67 -4.75
N SER B 545 3.22 0.69 -5.46
CA SER B 545 4.48 0.85 -6.19
C SER B 545 4.27 1.59 -7.51
N THR B 546 5.38 1.78 -8.23
CA THR B 546 5.34 2.58 -9.46
C THR B 546 4.63 1.85 -10.59
N ARG B 547 4.71 0.52 -10.62
CA ARG B 547 4.05 -0.24 -11.68
C ARG B 547 2.63 -0.66 -11.31
N TRP B 548 2.34 -0.76 -10.02
CA TRP B 548 1.01 -1.14 -9.61
C TRP B 548 -0.03 -0.10 -9.98
N ILE B 549 0.35 1.16 -10.12
CA ILE B 549 -0.60 2.16 -10.61
C ILE B 549 -0.88 1.93 -12.10
N THR B 550 0.15 1.60 -12.87
CA THR B 550 -0.04 1.31 -14.29
C THR B 550 -0.99 0.14 -14.48
N TRP B 551 -0.84 -0.89 -13.64
CA TRP B 551 -1.76 -2.02 -13.75
C TRP B 551 -3.13 -1.71 -13.14
N LEU B 552 -3.18 -0.84 -12.13
CA LEU B 552 -4.47 -0.43 -11.57
C LEU B 552 -5.29 0.32 -12.61
N SER B 553 -4.61 0.96 -13.57
CA SER B 553 -5.33 1.57 -14.69
C SER B 553 -6.29 0.56 -15.32
N TYR B 554 -5.86 -0.69 -15.47
CA TYR B 554 -6.80 -1.75 -15.82
C TYR B 554 -7.68 -2.13 -14.64
N LEU B 555 -7.08 -2.23 -13.45
CA LEU B 555 -7.81 -2.80 -12.31
C LEU B 555 -8.99 -1.93 -11.89
N GLU B 556 -9.02 -0.66 -12.30
CA GLU B 556 -10.10 0.21 -11.88
C GLU B 556 -11.45 -0.26 -12.41
N ASP B 557 -11.50 -0.68 -13.66
CA ASP B 557 -12.77 -1.07 -14.27
C ASP B 557 -13.26 -2.38 -13.67
N PRO B 558 -14.47 -2.42 -13.12
CA PRO B 558 -14.98 -3.67 -12.53
C PRO B 558 -15.38 -4.72 -13.56
N ARG B 559 -15.30 -4.43 -14.86
CA ARG B 559 -15.69 -5.41 -15.86
C ARG B 559 -14.71 -6.57 -15.96
N ILE B 560 -13.55 -6.48 -15.33
CA ILE B 560 -12.54 -7.54 -15.37
C ILE B 560 -12.21 -7.96 -13.95
N THR B 561 -11.99 -9.26 -13.76
CA THR B 561 -11.68 -9.80 -12.44
C THR B 561 -10.48 -10.73 -12.56
N PHE B 562 -9.73 -10.84 -11.46
CA PHE B 562 -8.49 -11.62 -11.44
C PHE B 562 -8.56 -12.66 -10.33
N TYR B 563 -7.95 -13.82 -10.58
CA TYR B 563 -7.98 -14.92 -9.63
C TYR B 563 -6.67 -15.68 -9.62
N TYR B 564 -6.42 -16.35 -8.49
CA TYR B 564 -5.25 -17.18 -8.26
C TYR B 564 -5.70 -18.58 -7.88
N ASP B 565 -5.08 -19.60 -8.50
CA ASP B 565 -5.49 -20.98 -8.24
C ASP B 565 -4.34 -21.95 -8.00
N LYS B 566 -3.09 -21.59 -8.31
CA LYS B 566 -1.93 -22.44 -8.10
C LYS B 566 -2.09 -23.79 -8.84
N THR B 567 -2.10 -23.68 -10.17
CA THR B 567 -2.27 -24.84 -11.03
C THR B 567 -1.19 -24.87 -12.11
N LEU B 568 -0.68 -26.07 -12.36
CA LEU B 568 0.27 -26.38 -13.44
C LEU B 568 1.60 -25.63 -13.30
N PRO B 569 2.42 -25.94 -12.30
CA PRO B 569 3.77 -25.36 -12.25
C PRO B 569 4.64 -25.91 -13.36
N ASP B 570 5.42 -25.04 -13.99
CA ASP B 570 6.25 -25.39 -15.14
C ASP B 570 7.64 -24.80 -15.00
N LEU B 571 8.26 -25.00 -13.84
CA LEU B 571 9.56 -24.40 -13.57
C LEU B 571 10.65 -24.86 -14.51
N LYS B 572 10.53 -26.05 -15.10
CA LYS B 572 11.55 -26.60 -15.99
C LYS B 572 10.88 -27.18 -17.22
N ASN B 573 11.18 -26.60 -18.38
CA ASN B 573 10.63 -27.09 -19.64
C ASN B 573 11.58 -26.75 -20.78
N VAL B 574 11.49 -27.53 -21.85
CA VAL B 574 12.27 -27.29 -23.05
C VAL B 574 11.74 -26.05 -23.74
N PRO B 575 12.58 -25.24 -24.37
CA PRO B 575 12.10 -24.04 -25.06
C PRO B 575 11.47 -24.40 -26.41
N GLU B 576 11.02 -23.37 -27.11
CA GLU B 576 10.40 -23.54 -28.42
C GLU B 576 11.47 -23.74 -29.49
N THR B 577 11.03 -24.16 -30.67
CA THR B 577 11.94 -24.43 -31.77
C THR B 577 12.47 -23.13 -32.37
N VAL B 578 13.37 -23.28 -33.33
CA VAL B 578 13.97 -22.14 -34.01
C VAL B 578 13.41 -22.02 -35.43
N MET C 585 16.16 -43.58 22.46
CA MET C 585 15.85 -44.80 21.72
C MET C 585 17.12 -45.58 21.39
N LEU C 586 16.98 -46.89 21.20
CA LEU C 586 18.12 -47.72 20.86
C LEU C 586 18.63 -47.38 19.46
N PRO C 587 19.93 -47.48 19.23
CA PRO C 587 20.47 -47.21 17.90
C PRO C 587 20.02 -48.25 16.88
N ILE C 588 20.16 -47.94 15.59
CA ILE C 588 19.67 -48.84 14.55
C ILE C 588 20.51 -50.10 14.48
N ILE C 589 21.66 -50.13 15.16
CA ILE C 589 22.54 -51.29 15.09
C ILE C 589 22.04 -52.47 15.91
N GLU C 590 21.03 -52.26 16.77
CA GLU C 590 20.55 -53.32 17.63
C GLU C 590 19.31 -54.03 17.11
N TYR C 591 18.43 -53.34 16.40
CA TYR C 591 17.21 -53.95 15.91
C TYR C 591 17.52 -54.92 14.78
N ALA C 592 16.62 -55.89 14.58
CA ALA C 592 16.83 -56.90 13.55
C ALA C 592 16.89 -56.28 12.16
N ALA C 593 15.97 -55.36 11.85
CA ALA C 593 15.92 -54.80 10.51
C ALA C 593 15.21 -53.45 10.56
N VAL C 594 15.35 -52.71 9.46
CA VAL C 594 14.66 -51.45 9.27
C VAL C 594 13.92 -51.48 7.94
N PHE C 595 12.72 -50.93 7.92
CA PHE C 595 11.86 -50.94 6.76
C PHE C 595 11.64 -49.51 6.32
N TYR C 596 11.78 -49.26 5.02
CA TYR C 596 11.65 -47.91 4.50
C TYR C 596 10.45 -47.89 3.57
N THR C 597 9.44 -47.08 3.91
CA THR C 597 8.19 -47.08 3.16
C THR C 597 7.89 -45.69 2.60
N ASP C 598 7.33 -45.66 1.40
CA ASP C 598 6.98 -44.38 0.72
C ASP C 598 5.90 -44.64 -0.34
N GLY C 599 4.96 -43.70 -0.49
CA GLY C 599 3.89 -43.84 -1.45
C GLY C 599 3.65 -42.53 -2.16
N SER C 600 3.23 -42.63 -3.42
CA SER C 600 2.96 -41.45 -4.24
C SER C 600 1.69 -41.68 -5.05
N ALA C 601 1.05 -40.57 -5.41
CA ALA C 601 -0.15 -40.59 -6.23
C ALA C 601 -0.07 -39.46 -7.25
N ILE C 602 -0.58 -39.71 -8.45
CA ILE C 602 -0.51 -38.75 -9.55
C ILE C 602 -1.84 -38.75 -10.30
N ARG C 603 -2.29 -37.56 -10.68
CA ARG C 603 -3.50 -37.43 -11.48
C ARG C 603 -3.34 -38.19 -12.80
N SER C 604 -4.40 -38.89 -13.19
CA SER C 604 -4.40 -39.78 -14.33
C SER C 604 -5.32 -39.25 -15.43
N PRO C 605 -5.11 -39.69 -16.68
CA PRO C 605 -6.00 -39.31 -17.78
C PRO C 605 -7.45 -39.76 -17.54
N ASN C 608 -10.48 -40.65 -17.70
CA ASN C 608 -11.57 -40.66 -16.73
C ASN C 608 -11.13 -41.26 -15.40
N LYS C 609 -9.81 -41.41 -15.25
CA LYS C 609 -9.23 -41.95 -14.03
C LYS C 609 -8.67 -40.81 -13.19
N SER C 610 -9.09 -40.75 -11.92
CA SER C 610 -8.73 -39.62 -11.07
C SER C 610 -7.25 -39.65 -10.71
N HIS C 611 -6.80 -40.71 -10.05
CA HIS C 611 -5.44 -40.77 -9.55
C HIS C 611 -4.86 -42.16 -9.78
N SER C 612 -3.53 -42.21 -9.90
CA SER C 612 -2.79 -43.47 -9.96
C SER C 612 -1.70 -43.42 -8.91
N SER C 613 -1.61 -44.47 -8.09
CA SER C 613 -0.75 -44.47 -6.92
C SER C 613 0.15 -45.70 -6.89
N GLY C 614 1.39 -45.48 -6.45
CA GLY C 614 2.34 -46.56 -6.29
C GLY C 614 3.00 -46.49 -4.92
N MET C 615 3.50 -47.65 -4.49
CA MET C 615 4.11 -47.81 -3.18
C MET C 615 5.51 -48.39 -3.36
N GLY C 616 6.46 -47.88 -2.58
CA GLY C 616 7.81 -48.41 -2.57
C GLY C 616 8.31 -48.67 -1.16
N ILE C 617 8.69 -49.92 -0.88
CA ILE C 617 9.16 -50.33 0.44
C ILE C 617 10.43 -51.14 0.26
N VAL C 618 11.46 -50.80 1.01
CA VAL C 618 12.74 -51.51 0.93
C VAL C 618 13.09 -52.08 2.29
N HIS C 619 13.61 -53.31 2.25
CA HIS C 619 14.10 -54.07 3.40
C HIS C 619 15.59 -53.82 3.58
N ALA C 620 15.98 -53.40 4.79
CA ALA C 620 17.38 -53.22 5.11
C ALA C 620 17.72 -53.94 6.41
N VAL C 621 18.90 -54.55 6.44
CA VAL C 621 19.43 -55.22 7.61
C VAL C 621 20.83 -54.68 7.88
N PHE C 622 21.07 -54.26 9.11
CA PHE C 622 22.33 -53.62 9.44
C PHE C 622 23.37 -54.62 9.92
N GLU C 625 27.01 -50.33 9.23
CA GLU C 625 26.73 -49.72 7.94
C GLU C 625 25.26 -49.86 7.57
N LEU C 626 24.89 -49.36 6.40
CA LEU C 626 23.52 -49.44 5.90
C LEU C 626 23.50 -50.31 4.66
N THR C 627 22.68 -51.37 4.69
CA THR C 627 22.54 -52.30 3.58
C THR C 627 21.04 -52.51 3.34
N ILE C 628 20.49 -51.79 2.36
CA ILE C 628 19.10 -51.97 1.96
C ILE C 628 19.03 -53.29 1.22
N GLU C 629 18.51 -54.33 1.87
CA GLU C 629 18.70 -55.68 1.36
C GLU C 629 17.90 -55.93 0.09
N HIS C 630 16.63 -55.55 0.08
CA HIS C 630 15.84 -55.85 -1.12
C HIS C 630 14.71 -54.84 -1.19
N GLN C 631 13.84 -54.99 -2.19
CA GLN C 631 12.95 -53.92 -2.63
C GLN C 631 11.63 -54.49 -3.13
N TRP C 632 10.57 -53.69 -2.96
CA TRP C 632 9.24 -54.01 -3.48
C TRP C 632 8.53 -52.72 -3.86
N SER C 633 8.11 -52.62 -5.11
CA SER C 633 7.31 -51.50 -5.60
C SER C 633 6.04 -52.04 -6.24
N ILE C 634 4.89 -51.58 -5.78
CA ILE C 634 3.61 -52.11 -6.22
C ILE C 634 2.63 -50.98 -6.52
N PRO C 635 1.94 -51.01 -7.66
CA PRO C 635 0.86 -50.04 -7.88
C PRO C 635 -0.42 -50.46 -7.18
N LEU C 636 -1.38 -49.53 -7.13
CA LEU C 636 -2.67 -49.89 -6.57
C LEU C 636 -3.83 -49.56 -7.52
N GLY C 637 -3.73 -48.46 -8.25
CA GLY C 637 -4.83 -48.03 -9.07
C GLY C 637 -5.39 -46.67 -8.71
N ASP C 638 -6.72 -46.59 -8.57
CA ASP C 638 -7.41 -45.30 -8.39
C ASP C 638 -7.65 -45.06 -6.90
N HIS C 639 -6.72 -44.36 -6.28
CA HIS C 639 -6.87 -43.90 -4.90
C HIS C 639 -5.96 -42.71 -4.66
N THR C 640 -6.18 -42.03 -3.54
CA THR C 640 -5.39 -40.86 -3.18
C THR C 640 -4.04 -41.27 -2.60
N ALA C 641 -3.26 -40.26 -2.22
CA ALA C 641 -1.94 -40.51 -1.65
C ALA C 641 -2.02 -41.19 -0.29
N GLN C 642 -3.01 -40.80 0.52
CA GLN C 642 -3.15 -41.38 1.85
C GLN C 642 -3.46 -42.87 1.79
N TYR C 643 -4.31 -43.27 0.84
CA TYR C 643 -4.56 -44.69 0.62
C TYR C 643 -3.28 -45.42 0.27
N ALA C 644 -2.44 -44.81 -0.56
CA ALA C 644 -1.17 -45.42 -0.93
C ALA C 644 -0.28 -45.59 0.30
N GLU C 645 -0.18 -44.55 1.13
CA GLU C 645 0.66 -44.64 2.31
C GLU C 645 0.16 -45.71 3.27
N ILE C 646 -1.15 -45.79 3.47
CA ILE C 646 -1.66 -46.78 4.41
C ILE C 646 -1.47 -48.19 3.87
N SER C 647 -1.68 -48.39 2.57
CA SER C 647 -1.41 -49.70 1.99
C SER C 647 0.06 -50.07 2.16
N ALA C 648 0.95 -49.09 1.98
CA ALA C 648 2.37 -49.33 2.17
C ALA C 648 2.66 -49.74 3.62
N VAL C 649 2.00 -49.09 4.58
CA VAL C 649 2.33 -49.42 5.97
C VAL C 649 1.82 -50.81 6.32
N GLU C 650 0.65 -51.22 5.81
CA GLU C 650 0.26 -52.62 6.07
C GLU C 650 1.19 -53.60 5.36
N PHE C 651 1.65 -53.26 4.16
CA PHE C 651 2.62 -54.13 3.48
C PHE C 651 3.88 -54.29 4.34
N ALA C 652 4.37 -53.18 4.89
CA ALA C 652 5.54 -53.23 5.75
C ALA C 652 5.26 -54.05 7.01
N CYS C 653 4.09 -53.88 7.61
CA CYS C 653 3.76 -54.62 8.83
C CYS C 653 3.71 -56.11 8.56
N LYS C 654 3.11 -56.53 7.44
CA LYS C 654 3.01 -57.96 7.18
C LYS C 654 4.37 -58.56 6.86
N LYS C 655 5.20 -57.85 6.10
CA LYS C 655 6.55 -58.38 5.91
C LYS C 655 7.37 -58.38 7.20
N ALA C 656 7.11 -57.43 8.11
CA ALA C 656 7.75 -57.46 9.42
C ALA C 656 7.31 -58.68 10.20
N ASN C 657 6.04 -59.04 10.11
CA ASN C 657 5.57 -60.28 10.72
C ASN C 657 6.24 -61.48 10.07
N ASN C 658 6.59 -61.36 8.80
CA ASN C 658 7.40 -62.41 8.16
C ASN C 658 8.83 -62.41 8.67
N ILE C 659 9.28 -61.30 9.26
CA ILE C 659 10.67 -61.14 9.68
C ILE C 659 10.80 -61.49 11.16
N SER C 660 11.87 -62.21 11.51
CA SER C 660 12.18 -62.55 12.89
C SER C 660 13.06 -61.49 13.52
N GLY C 661 12.83 -61.21 14.79
CA GLY C 661 13.57 -60.20 15.50
C GLY C 661 12.88 -58.86 15.44
N PRO C 662 12.91 -58.10 16.54
CA PRO C 662 12.28 -56.77 16.54
C PRO C 662 12.89 -55.86 15.50
N VAL C 663 12.02 -55.15 14.76
CA VAL C 663 12.43 -54.31 13.66
C VAL C 663 11.80 -52.93 13.82
N LEU C 664 12.19 -52.02 12.94
CA LEU C 664 11.69 -50.66 12.95
C LEU C 664 11.15 -50.27 11.58
N ILE C 665 10.23 -49.31 11.58
CA ILE C 665 9.63 -48.77 10.37
C ILE C 665 9.88 -47.27 10.30
N VAL C 666 10.19 -46.78 9.10
CA VAL C 666 10.32 -45.36 8.84
C VAL C 666 9.60 -45.04 7.53
N THR C 667 8.83 -43.94 7.55
CA THR C 667 8.05 -43.52 6.40
C THR C 667 8.11 -42.01 6.22
N ASP C 668 7.31 -41.47 5.31
CA ASP C 668 7.21 -40.00 5.10
C ASP C 668 5.87 -39.49 5.63
N SER C 669 5.15 -40.32 6.40
CA SER C 669 3.85 -39.92 6.94
C SER C 669 3.93 -39.96 8.46
N ASP C 670 4.14 -38.81 9.08
CA ASP C 670 4.12 -38.70 10.52
C ASP C 670 2.71 -38.74 11.09
N TYR C 671 1.71 -38.32 10.31
CA TYR C 671 0.35 -38.22 10.82
C TYR C 671 -0.18 -39.58 11.24
N VAL C 672 0.04 -40.61 10.42
CA VAL C 672 -0.48 -41.94 10.74
C VAL C 672 0.19 -42.48 12.01
N ALA C 673 1.51 -42.33 12.13
CA ALA C 673 2.20 -42.83 13.31
C ALA C 673 1.76 -42.10 14.57
N ARG C 674 1.65 -40.76 14.49
CA ARG C 674 1.19 -40.00 15.65
C ARG C 674 -0.22 -40.40 16.05
N SER C 675 -1.12 -40.53 15.07
CA SER C 675 -2.50 -40.87 15.38
C SER C 675 -2.61 -42.25 16.00
N VAL C 676 -1.90 -43.24 15.45
CA VAL C 676 -1.97 -44.58 16.03
C VAL C 676 -1.39 -44.57 17.44
N ASN C 677 -0.21 -43.97 17.62
CA ASN C 677 0.42 -43.94 18.93
C ASN C 677 -0.41 -43.18 19.95
N GLU C 678 -1.27 -42.26 19.52
CA GLU C 678 -2.06 -41.47 20.45
C GLU C 678 -3.47 -42.00 20.67
N GLU C 679 -3.98 -42.87 19.79
CA GLU C 679 -5.38 -43.26 19.85
C GLU C 679 -5.59 -44.77 19.76
N LEU C 680 -4.52 -45.56 19.68
CA LEU C 680 -4.69 -47.02 19.53
C LEU C 680 -5.46 -47.66 20.68
N PRO C 681 -5.10 -47.44 21.95
CA PRO C 681 -5.91 -48.04 23.02
C PRO C 681 -7.37 -47.63 22.94
N PHE C 682 -7.62 -46.36 22.62
CA PHE C 682 -8.99 -45.95 22.30
C PHE C 682 -9.47 -46.62 21.02
N TRP C 683 -8.57 -46.78 20.04
CA TRP C 683 -8.98 -47.28 18.73
C TRP C 683 -9.62 -48.67 18.84
N ARG C 684 -8.96 -49.62 19.50
CA ARG C 684 -9.62 -50.89 19.73
C ARG C 684 -10.34 -50.96 21.07
N SER C 685 -10.44 -49.83 21.78
CA SER C 685 -11.28 -49.77 22.96
C SER C 685 -12.71 -49.37 22.63
N ASN C 686 -12.90 -48.45 21.68
CA ASN C 686 -14.23 -47.96 21.33
C ASN C 686 -14.87 -48.71 20.16
N GLY C 687 -14.18 -49.69 19.59
CA GLY C 687 -14.74 -50.43 18.48
C GLY C 687 -14.42 -49.85 17.12
N PHE C 688 -13.20 -49.36 16.90
CA PHE C 688 -12.75 -48.85 15.61
C PHE C 688 -13.64 -47.70 15.13
N VAL C 689 -13.89 -46.74 16.02
CA VAL C 689 -14.67 -45.56 15.69
C VAL C 689 -13.91 -44.32 16.13
N ASN C 690 -14.26 -43.19 15.53
CA ASN C 690 -13.54 -41.94 15.79
C ASN C 690 -14.15 -41.22 16.99
N ASN C 691 -13.63 -40.02 17.26
CA ASN C 691 -14.24 -39.16 18.26
C ASN C 691 -15.63 -38.72 17.85
N LYS C 692 -15.93 -38.70 16.55
CA LYS C 692 -17.26 -38.40 16.06
C LYS C 692 -18.19 -39.60 16.11
N LYS C 693 -17.74 -40.72 16.70
CA LYS C 693 -18.55 -41.94 16.83
C LYS C 693 -18.94 -42.48 15.45
N LYS C 694 -18.02 -42.36 14.50
CA LYS C 694 -18.20 -42.83 13.14
C LYS C 694 -17.05 -43.72 12.73
N PRO C 695 -17.31 -44.80 12.00
CA PRO C 695 -16.20 -45.62 11.49
C PRO C 695 -15.28 -44.80 10.59
N LEU C 696 -14.04 -44.60 11.03
CA LEU C 696 -13.11 -43.81 10.25
C LEU C 696 -12.66 -44.58 9.01
N LYS C 697 -12.22 -43.83 8.00
CA LYS C 697 -11.87 -44.40 6.71
C LYS C 697 -10.80 -45.48 6.87
N HIS C 698 -10.76 -46.39 5.88
CA HIS C 698 -9.82 -47.51 5.85
C HIS C 698 -10.05 -48.44 7.05
N ILE C 699 -11.27 -48.95 7.15
CA ILE C 699 -11.67 -49.73 8.31
C ILE C 699 -10.89 -51.04 8.38
N SER C 700 -10.93 -51.83 7.31
CA SER C 700 -10.23 -53.10 7.30
C SER C 700 -8.72 -52.90 7.38
N LYS C 701 -8.22 -51.87 6.68
CA LYS C 701 -6.80 -51.56 6.73
C LYS C 701 -6.37 -51.20 8.15
N TRP C 702 -7.16 -50.38 8.84
CA TRP C 702 -6.85 -50.04 10.22
C TRP C 702 -6.91 -51.25 11.13
N LYS C 703 -7.88 -52.14 10.90
CA LYS C 703 -7.96 -53.37 11.69
C LYS C 703 -6.70 -54.21 11.49
N ASN C 704 -6.24 -54.32 10.26
CA ASN C 704 -5.02 -55.08 9.98
C ASN C 704 -3.82 -54.44 10.67
N ILE C 705 -3.71 -53.12 10.61
CA ILE C 705 -2.63 -52.43 11.31
C ILE C 705 -2.68 -52.76 12.79
N SER C 706 -3.88 -52.68 13.38
CA SER C 706 -4.03 -52.88 14.82
C SER C 706 -3.64 -54.30 15.22
N ASP C 707 -4.15 -55.31 14.51
CA ASP C 707 -3.86 -56.67 14.93
C ASP C 707 -2.39 -57.02 14.70
N SER C 708 -1.80 -56.50 13.61
CA SER C 708 -0.38 -56.71 13.37
C SER C 708 0.46 -56.11 14.48
N LEU C 709 0.13 -54.88 14.88
CA LEU C 709 0.89 -54.23 15.95
C LEU C 709 0.72 -54.96 17.27
N LEU C 710 -0.50 -55.42 17.58
CA LEU C 710 -0.73 -56.06 18.87
C LEU C 710 -0.11 -57.45 18.96
N LEU C 711 -0.08 -58.20 17.85
CA LEU C 711 0.49 -59.54 17.93
C LEU C 711 2.02 -59.50 18.02
N LYS C 712 2.64 -58.50 17.42
CA LYS C 712 4.09 -58.28 17.47
C LYS C 712 4.31 -56.89 18.06
N ARG C 713 4.35 -56.81 19.40
CA ARG C 713 4.39 -55.54 20.10
C ARG C 713 5.80 -55.00 20.30
N ASP C 714 6.83 -55.73 19.88
CA ASP C 714 8.21 -55.31 20.04
C ASP C 714 8.73 -54.53 18.83
N ILE C 715 7.85 -53.96 18.03
CA ILE C 715 8.25 -53.31 16.78
C ILE C 715 8.24 -51.79 16.99
N ILE C 716 9.14 -51.10 16.30
CA ILE C 716 9.29 -49.65 16.45
C ILE C 716 8.57 -48.96 15.30
N ILE C 717 7.68 -48.03 15.64
CA ILE C 717 6.98 -47.20 14.66
C ILE C 717 7.38 -45.75 14.90
N VAL C 718 8.19 -45.20 14.00
CA VAL C 718 8.76 -43.86 14.14
C VAL C 718 8.82 -43.20 12.77
N HIS C 719 9.17 -41.91 12.78
CA HIS C 719 9.36 -41.16 11.54
C HIS C 719 10.22 -39.95 11.88
N GLU C 720 11.44 -39.91 11.34
CA GLU C 720 12.39 -38.85 11.67
C GLU C 720 12.02 -37.52 11.00
N PRO C 721 11.80 -37.47 9.68
CA PRO C 721 11.50 -36.15 9.09
C PRO C 721 10.25 -35.49 9.65
N THR C 728 17.62 -33.83 6.75
CA THR C 728 18.97 -34.09 6.29
C THR C 728 19.69 -35.08 7.20
N SER C 729 19.59 -36.36 6.87
CA SER C 729 20.23 -37.41 7.65
C SER C 729 20.49 -38.61 6.74
N ILE C 730 20.82 -39.76 7.35
CA ILE C 730 21.19 -40.93 6.57
C ILE C 730 20.02 -41.42 5.73
N HIS C 731 18.81 -41.43 6.30
CA HIS C 731 17.66 -42.01 5.63
C HIS C 731 17.17 -41.17 4.45
N THR C 732 17.82 -40.05 4.15
CA THR C 732 17.38 -39.21 3.04
C THR C 732 17.51 -39.95 1.72
N GLN C 733 18.61 -40.66 1.52
CA GLN C 733 18.79 -41.40 0.28
C GLN C 733 17.75 -42.50 0.14
N GLY C 734 17.52 -43.25 1.23
CA GLY C 734 16.51 -44.29 1.18
C GLY C 734 15.14 -43.74 0.86
N ASN C 735 14.80 -42.60 1.46
CA ASN C 735 13.52 -41.96 1.15
C ASN C 735 13.46 -41.51 -0.30
N ASN C 736 14.58 -41.02 -0.85
CA ASN C 736 14.59 -40.59 -2.24
C ASN C 736 14.34 -41.75 -3.19
N LEU C 737 15.07 -42.85 -3.01
CA LEU C 737 14.83 -44.01 -3.86
C LEU C 737 13.43 -44.57 -3.64
N ALA C 738 12.92 -44.56 -2.40
CA ALA C 738 11.55 -45.04 -2.18
C ALA C 738 10.53 -44.16 -2.88
N ASP C 739 10.76 -42.84 -2.90
CA ASP C 739 9.87 -41.95 -3.63
C ASP C 739 9.91 -42.25 -5.13
N LYS C 740 11.10 -42.54 -5.63
CA LYS C 740 11.27 -42.89 -7.04
C LYS C 740 10.49 -44.17 -7.33
N LEU C 741 10.57 -45.12 -6.41
CA LEU C 741 9.86 -46.38 -6.53
C LEU C 741 8.35 -46.17 -6.54
N ALA C 742 7.86 -45.29 -5.68
CA ALA C 742 6.44 -44.98 -5.65
C ALA C 742 5.98 -44.35 -6.95
N THR C 743 6.80 -43.45 -7.51
CA THR C 743 6.47 -42.88 -8.82
C THR C 743 6.43 -43.96 -9.90
N GLN C 744 7.38 -44.89 -9.83
CA GLN C 744 7.45 -45.99 -10.78
C GLN C 744 6.20 -46.85 -10.70
N GLY C 745 5.75 -47.13 -9.48
CA GLY C 745 4.53 -47.90 -9.29
C GLY C 745 3.30 -47.17 -9.79
N SER C 746 3.19 -45.87 -9.46
CA SER C 746 2.03 -45.09 -9.87
C SER C 746 1.94 -44.99 -11.38
N TYR C 747 3.07 -44.80 -12.05
CA TYR C 747 3.08 -44.58 -13.49
C TYR C 747 2.99 -45.88 -14.28
N THR C 748 2.85 -47.03 -13.62
CA THR C 748 2.89 -48.31 -14.31
C THR C 748 1.76 -48.44 -15.32
N VAL C 749 0.55 -48.03 -14.95
CA VAL C 749 -0.58 -48.11 -15.87
C VAL C 749 -0.94 -46.72 -16.39
#